data_6F3C
# 
_entry.id   6F3C 
# 
_audit_conform.dict_name       mmcif_pdbx.dic 
_audit_conform.dict_version    5.383 
_audit_conform.dict_location   http://mmcif.pdb.org/dictionaries/ascii/mmcif_pdbx.dic 
# 
loop_
_database_2.database_id 
_database_2.database_code 
_database_2.pdbx_database_accession 
_database_2.pdbx_DOI 
PDB   6F3C         pdb_00006f3c 10.2210/pdb6f3c/pdb 
WWPDB D_1200007649 ?            ?                   
# 
loop_
_pdbx_audit_revision_history.ordinal 
_pdbx_audit_revision_history.data_content_type 
_pdbx_audit_revision_history.major_revision 
_pdbx_audit_revision_history.minor_revision 
_pdbx_audit_revision_history.revision_date 
1 'Structure model' 1 0 2019-05-29 
2 'Structure model' 1 1 2019-06-05 
3 'Structure model' 1 2 2019-08-07 
4 'Structure model' 1 3 2024-01-17 
# 
_pdbx_audit_revision_details.ordinal             1 
_pdbx_audit_revision_details.revision_ordinal    1 
_pdbx_audit_revision_details.data_content_type   'Structure model' 
_pdbx_audit_revision_details.provider            repository 
_pdbx_audit_revision_details.type                'Initial release' 
_pdbx_audit_revision_details.description         ? 
_pdbx_audit_revision_details.details             ? 
# 
loop_
_pdbx_audit_revision_group.ordinal 
_pdbx_audit_revision_group.revision_ordinal 
_pdbx_audit_revision_group.data_content_type 
_pdbx_audit_revision_group.group 
1 2 'Structure model' 'Data collection'        
2 2 'Structure model' 'Database references'    
3 3 'Structure model' 'Data collection'        
4 3 'Structure model' 'Database references'    
5 4 'Structure model' 'Data collection'        
6 4 'Structure model' 'Database references'    
7 4 'Structure model' 'Derived calculations'   
8 4 'Structure model' 'Refinement description' 
# 
loop_
_pdbx_audit_revision_category.ordinal 
_pdbx_audit_revision_category.revision_ordinal 
_pdbx_audit_revision_category.data_content_type 
_pdbx_audit_revision_category.category 
1  2 'Structure model' citation                      
2  2 'Structure model' citation_author               
3  2 'Structure model' pdbx_database_proc            
4  2 'Structure model' pdbx_seq_map_depositor_info   
5  3 'Structure model' citation                      
6  3 'Structure model' citation_author               
7  4 'Structure model' chem_comp_atom                
8  4 'Structure model' chem_comp_bond                
9  4 'Structure model' database_2                    
10 4 'Structure model' pdbx_initial_refinement_model 
11 4 'Structure model' pdbx_struct_conn_angle        
12 4 'Structure model' struct_conn                   
# 
loop_
_pdbx_audit_revision_item.ordinal 
_pdbx_audit_revision_item.revision_ordinal 
_pdbx_audit_revision_item.data_content_type 
_pdbx_audit_revision_item.item 
1  2 'Structure model' '_citation.title'                                  
2  2 'Structure model' '_citation_author.identifier_ORCID'                
3  2 'Structure model' '_pdbx_seq_map_depositor_info.one_letter_code_mod' 
4  3 'Structure model' '_citation.journal_volume'                         
5  3 'Structure model' '_citation.page_first'                             
6  3 'Structure model' '_citation.page_last'                              
7  3 'Structure model' '_citation_author.identifier_ORCID'                
8  4 'Structure model' '_database_2.pdbx_DOI'                             
9  4 'Structure model' '_database_2.pdbx_database_accession'              
10 4 'Structure model' '_pdbx_struct_conn_angle.ptnr1_auth_asym_id'       
11 4 'Structure model' '_pdbx_struct_conn_angle.ptnr1_auth_comp_id'       
12 4 'Structure model' '_pdbx_struct_conn_angle.ptnr1_auth_seq_id'        
13 4 'Structure model' '_pdbx_struct_conn_angle.ptnr1_label_asym_id'      
14 4 'Structure model' '_pdbx_struct_conn_angle.ptnr1_label_atom_id'      
15 4 'Structure model' '_pdbx_struct_conn_angle.ptnr1_label_comp_id'      
16 4 'Structure model' '_pdbx_struct_conn_angle.ptnr1_label_seq_id'       
17 4 'Structure model' '_pdbx_struct_conn_angle.ptnr1_symmetry'           
18 4 'Structure model' '_pdbx_struct_conn_angle.ptnr3_auth_asym_id'       
19 4 'Structure model' '_pdbx_struct_conn_angle.ptnr3_auth_comp_id'       
20 4 'Structure model' '_pdbx_struct_conn_angle.ptnr3_auth_seq_id'        
21 4 'Structure model' '_pdbx_struct_conn_angle.ptnr3_label_asym_id'      
22 4 'Structure model' '_pdbx_struct_conn_angle.ptnr3_label_atom_id'      
23 4 'Structure model' '_pdbx_struct_conn_angle.ptnr3_label_comp_id'      
24 4 'Structure model' '_pdbx_struct_conn_angle.ptnr3_label_seq_id'       
25 4 'Structure model' '_pdbx_struct_conn_angle.ptnr3_symmetry'           
26 4 'Structure model' '_pdbx_struct_conn_angle.value'                    
27 4 'Structure model' '_struct_conn.pdbx_dist_value'                     
28 4 'Structure model' '_struct_conn.ptnr1_auth_asym_id'                  
29 4 'Structure model' '_struct_conn.ptnr1_auth_comp_id'                  
30 4 'Structure model' '_struct_conn.ptnr1_auth_seq_id'                   
31 4 'Structure model' '_struct_conn.ptnr1_label_asym_id'                 
32 4 'Structure model' '_struct_conn.ptnr1_label_atom_id'                 
33 4 'Structure model' '_struct_conn.ptnr1_label_comp_id'                 
34 4 'Structure model' '_struct_conn.ptnr1_label_seq_id'                  
35 4 'Structure model' '_struct_conn.ptnr2_auth_asym_id'                  
36 4 'Structure model' '_struct_conn.ptnr2_auth_comp_id'                  
37 4 'Structure model' '_struct_conn.ptnr2_auth_seq_id'                   
38 4 'Structure model' '_struct_conn.ptnr2_label_asym_id'                 
39 4 'Structure model' '_struct_conn.ptnr2_label_atom_id'                 
40 4 'Structure model' '_struct_conn.ptnr2_label_comp_id'                 
41 4 'Structure model' '_struct_conn.ptnr2_label_seq_id'                  
42 4 'Structure model' '_struct_conn.ptnr2_symmetry'                      
# 
_pdbx_database_status.status_code                     REL 
_pdbx_database_status.status_code_sf                  REL 
_pdbx_database_status.status_code_mr                  ? 
_pdbx_database_status.entry_id                        6F3C 
_pdbx_database_status.recvd_initial_deposition_date   2017-11-28 
_pdbx_database_status.SG_entry                        N 
_pdbx_database_status.deposit_site                    PDBE 
_pdbx_database_status.process_site                    PDBE 
_pdbx_database_status.status_code_cs                  ? 
_pdbx_database_status.methods_development_category    ? 
_pdbx_database_status.pdb_format_compatible           Y 
_pdbx_database_status.status_code_nmr_data            ? 
# 
loop_
_audit_author.name 
_audit_author.pdbx_ordinal 
_audit_author.identifier_ORCID 
'Ferraroni, M.'   1 ? 
'Bazzicalupi, C.' 2 ? 
'Gratteri, P.'    3 ? 
'Papi, F.'        4 ? 
# 
_citation.abstract                  ? 
_citation.abstract_id_CAS           ? 
_citation.book_id_ISBN              ? 
_citation.book_publisher            ? 
_citation.book_publisher_city       ? 
_citation.book_title                ? 
_citation.coordinate_linkage        ? 
_citation.country                   GE 
_citation.database_id_Medline       ? 
_citation.details                   ? 
_citation.id                        primary 
_citation.journal_abbrev            Angew.Chem.Int.Ed.Engl. 
_citation.journal_id_ASTM           ACIEAY 
_citation.journal_id_CSD            0179 
_citation.journal_id_ISSN           1521-3773 
_citation.journal_full              ? 
_citation.journal_issue             ? 
_citation.journal_volume            58 
_citation.language                  ? 
_citation.page_first                9378 
_citation.page_last                 9382 
_citation.title                     
;Induction of a Four-Way Junction Structure in the DNA Palindromic Hexanucleotide 5'-d(CGTACG)-3' by a Mononuclear Platinum Complex.
;
_citation.year                      2019 
_citation.database_id_CSD           ? 
_citation.pdbx_database_id_DOI      10.1002/anie.201814532 
_citation.pdbx_database_id_PubMed   31046177 
_citation.unpublished_flag          ? 
# 
loop_
_citation_author.citation_id 
_citation_author.name 
_citation_author.ordinal 
_citation_author.identifier_ORCID 
primary 'van Rixel, V.H.S.' 1  ? 
primary 'Busemann, A.'      2  ? 
primary 'Wissingh, M.F.'    3  ? 
primary 'Hopkins, S.L.'     4  ? 
primary 'Siewert, B.'       5  ? 
primary 'van de Griend, C.' 6  ? 
primary 'Siegler, M.A.'     7  ? 
primary 'Marzo, T.'         8  ? 
primary 'Papi, F.'          9  ? 
primary 'Ferraroni, M.'     10 ? 
primary 'Gratteri, P.'      11 ? 
primary 'Bazzicalupi, C.'   12 ? 
primary 'Messori, L.'       13 ? 
primary 'Bonnet, S.'        14 ? 
# 
loop_
_entity.id 
_entity.type 
_entity.src_method 
_entity.pdbx_description 
_entity.formula_weight 
_entity.pdbx_number_of_molecules 
_entity.pdbx_ec 
_entity.pdbx_mutation 
_entity.pdbx_fragment 
_entity.details 
1 polymer     syn 
;DNA (5'-D(*GP*TP*AP*CP*G)-3')
;
1809.217 2 ? ? ? ? 
2 polymer     syn 
;DNA (5'-D(*GP*TP*AP*CP*G)-3')
;
1520.036 2 ? ? ? ? 
3 non-polymer syn 'MAGNESIUM ION'                 24.305   1 ? ? ? ? 
4 non-polymer syn '[Pt(H2bapbpy)] platinum'       535.459  2 ? ? ? ? 
5 water       nat water                           18.015   9 ? ? ? ? 
# 
loop_
_entity_poly.entity_id 
_entity_poly.type 
_entity_poly.nstd_linkage 
_entity_poly.nstd_monomer 
_entity_poly.pdbx_seq_one_letter_code 
_entity_poly.pdbx_seq_one_letter_code_can 
_entity_poly.pdbx_strand_id 
_entity_poly.pdbx_target_identifier 
1 polydeoxyribonucleotide no no '(DC)(DG)(DT)(DA)(DC)(DG)' CGTACG B,D ? 
2 polydeoxyribonucleotide no no '(DG)(DT)(DA)(DC)(DG)'     GTACG  C,A ? 
# 
loop_
_pdbx_entity_nonpoly.entity_id 
_pdbx_entity_nonpoly.name 
_pdbx_entity_nonpoly.comp_id 
3 'MAGNESIUM ION'           MG  
4 '[Pt(H2bapbpy)] platinum' PT9 
5 water                     HOH 
# 
loop_
_entity_poly_seq.entity_id 
_entity_poly_seq.num 
_entity_poly_seq.mon_id 
_entity_poly_seq.hetero 
1 1 DC n 
1 2 DG n 
1 3 DT n 
1 4 DA n 
1 5 DC n 
1 6 DG n 
2 1 DG n 
2 2 DT n 
2 3 DA n 
2 4 DC n 
2 5 DG n 
# 
loop_
_pdbx_entity_src_syn.entity_id 
_pdbx_entity_src_syn.pdbx_src_id 
_pdbx_entity_src_syn.pdbx_alt_source_flag 
_pdbx_entity_src_syn.pdbx_beg_seq_num 
_pdbx_entity_src_syn.pdbx_end_seq_num 
_pdbx_entity_src_syn.organism_scientific 
_pdbx_entity_src_syn.organism_common_name 
_pdbx_entity_src_syn.ncbi_taxonomy_id 
_pdbx_entity_src_syn.details 
1 1 sample 1 6 'synthetic construct' ? 32630 ? 
2 1 sample 1 5 'synthetic construct' ? 32630 ? 
# 
loop_
_chem_comp.id 
_chem_comp.type 
_chem_comp.mon_nstd_flag 
_chem_comp.name 
_chem_comp.pdbx_synonyms 
_chem_comp.formula 
_chem_comp.formula_weight 
DA  'DNA linking' y "2'-DEOXYADENOSINE-5'-MONOPHOSPHATE" ? 'C10 H14 N5 O6 P' 331.222 
DC  'DNA linking' y "2'-DEOXYCYTIDINE-5'-MONOPHOSPHATE"  ? 'C9 H14 N3 O7 P'  307.197 
DG  'DNA linking' y "2'-DEOXYGUANOSINE-5'-MONOPHOSPHATE" ? 'C10 H14 N5 O7 P' 347.221 
DT  'DNA linking' y "THYMIDINE-5'-MONOPHOSPHATE"         ? 'C10 H15 N2 O8 P' 322.208 
HOH non-polymer   . WATER                                ? 'H2 O'            18.015  
MG  non-polymer   . 'MAGNESIUM ION'                      ? 'Mg 2'            24.305  
PT9 non-polymer   . '[Pt(H2bapbpy)] platinum'            ? 'C20 H16 N6 Pt'   535.459 
# 
loop_
_pdbx_poly_seq_scheme.asym_id 
_pdbx_poly_seq_scheme.entity_id 
_pdbx_poly_seq_scheme.seq_id 
_pdbx_poly_seq_scheme.mon_id 
_pdbx_poly_seq_scheme.ndb_seq_num 
_pdbx_poly_seq_scheme.pdb_seq_num 
_pdbx_poly_seq_scheme.auth_seq_num 
_pdbx_poly_seq_scheme.pdb_mon_id 
_pdbx_poly_seq_scheme.auth_mon_id 
_pdbx_poly_seq_scheme.pdb_strand_id 
_pdbx_poly_seq_scheme.pdb_ins_code 
_pdbx_poly_seq_scheme.hetero 
A 1 1 DC 1 7  7  DC DC B . n 
A 1 2 DG 2 8  8  DG DG B . n 
A 1 3 DT 3 9  9  DT DT B . n 
A 1 4 DA 4 10 10 DA DA B . n 
A 1 5 DC 5 11 11 DC DC B . n 
A 1 6 DG 6 12 12 DG DG B . n 
B 1 1 DC 1 7  7  DC DC D . n 
B 1 2 DG 2 8  8  DG DG D . n 
B 1 3 DT 3 9  9  DT DT D . n 
B 1 4 DA 4 10 10 DA DA D . n 
B 1 5 DC 5 11 11 DC DC D . n 
B 1 6 DG 6 12 12 DG DG D . n 
C 2 1 DG 1 2  2  DG DG C . n 
C 2 2 DT 2 3  3  DT DT C . n 
C 2 3 DA 3 4  4  DA DA C . n 
C 2 4 DC 4 5  5  DC DC C . n 
C 2 5 DG 5 6  6  DG DG C . n 
D 2 1 DG 1 2  2  DG DG A . n 
D 2 2 DT 2 3  3  DT DT A . n 
D 2 3 DA 3 4  4  DA DA A . n 
D 2 4 DC 4 5  5  DC DC A . n 
D 2 5 DG 5 6  6  DG DG A . n 
# 
loop_
_pdbx_nonpoly_scheme.asym_id 
_pdbx_nonpoly_scheme.entity_id 
_pdbx_nonpoly_scheme.mon_id 
_pdbx_nonpoly_scheme.ndb_seq_num 
_pdbx_nonpoly_scheme.pdb_seq_num 
_pdbx_nonpoly_scheme.auth_seq_num 
_pdbx_nonpoly_scheme.pdb_mon_id 
_pdbx_nonpoly_scheme.auth_mon_id 
_pdbx_nonpoly_scheme.pdb_strand_id 
_pdbx_nonpoly_scheme.pdb_ins_code 
E 3 MG  1 101 1  MG  MG  B . 
F 4 PT9 1 101 1  PT9 PTB A . 
G 4 PT9 1 102 2  PT9 PTB A . 
H 5 HOH 1 201 2  HOH HOH B . 
H 5 HOH 2 202 1  HOH HOH B . 
H 5 HOH 3 203 10 HOH HOH B . 
H 5 HOH 4 204 9  HOH HOH B . 
I 5 HOH 1 101 3  HOH HOH C . 
I 5 HOH 2 102 4  HOH HOH C . 
J 5 HOH 1 201 6  HOH HOH A . 
J 5 HOH 2 202 7  HOH HOH A . 
J 5 HOH 3 203 5  HOH HOH A . 
# 
loop_
_software.citation_id 
_software.classification 
_software.compiler_name 
_software.compiler_version 
_software.contact_author 
_software.contact_author_email 
_software.date 
_software.description 
_software.dependencies 
_software.hardware 
_software.language 
_software.location 
_software.mods 
_software.name 
_software.os 
_software.os_version 
_software.type 
_software.version 
_software.pdbx_ordinal 
? 'data reduction'  ? ? ? ? ? ? ? ? ? ? ? XDS         ? ? ? .    1 
? 'data scaling'    ? ? ? ? ? ? ? ? ? ? ? XSCALE      ? ? ? .    2 
? refinement        ? ? ? ? ? ? ? ? ? ? ? REFMAC      ? ? ? .    3 
? 'data extraction' ? ? ? ? ? ? ? ? ? ? ? PDB_EXTRACT ? ? ? 3.24 4 
? phasing           ? ? ? ? ? ? ? ? ? ? ? MOLREP      ? ? ? .    5 
# 
_cell.angle_alpha                  90.000 
_cell.angle_alpha_esd              ? 
_cell.angle_beta                   90.000 
_cell.angle_beta_esd               ? 
_cell.angle_gamma                  120.000 
_cell.angle_gamma_esd              ? 
_cell.entry_id                     6F3C 
_cell.details                      ? 
_cell.formula_units_Z              ? 
_cell.length_a                     30.090 
_cell.length_a_esd                 ? 
_cell.length_b                     30.090 
_cell.length_b_esd                 ? 
_cell.length_c                     116.990 
_cell.length_c_esd                 ? 
_cell.volume                       ? 
_cell.volume_esd                   ? 
_cell.Z_PDB                        12 
_cell.reciprocal_angle_alpha       ? 
_cell.reciprocal_angle_beta        ? 
_cell.reciprocal_angle_gamma       ? 
_cell.reciprocal_angle_alpha_esd   ? 
_cell.reciprocal_angle_beta_esd    ? 
_cell.reciprocal_angle_gamma_esd   ? 
_cell.reciprocal_length_a          ? 
_cell.reciprocal_length_b          ? 
_cell.reciprocal_length_c          ? 
_cell.reciprocal_length_a_esd      ? 
_cell.reciprocal_length_b_esd      ? 
_cell.reciprocal_length_c_esd      ? 
_cell.pdbx_unique_axis             ? 
# 
_symmetry.entry_id                         6F3C 
_symmetry.cell_setting                     ? 
_symmetry.Int_Tables_number                154 
_symmetry.space_group_name_Hall            ? 
_symmetry.space_group_name_H-M             'P 32 2 1' 
_symmetry.pdbx_full_space_group_name_H-M   ? 
# 
_exptl.absorpt_coefficient_mu     ? 
_exptl.absorpt_correction_T_max   ? 
_exptl.absorpt_correction_T_min   ? 
_exptl.absorpt_correction_type    ? 
_exptl.absorpt_process_details    ? 
_exptl.entry_id                   6F3C 
_exptl.crystals_number            1 
_exptl.details                    ? 
_exptl.method                     'X-RAY DIFFRACTION' 
_exptl.method_details             ? 
# 
_exptl_crystal.colour                      ? 
_exptl_crystal.density_diffrn              ? 
_exptl_crystal.density_Matthews            1.95 
_exptl_crystal.density_method              ? 
_exptl_crystal.density_percent_sol         57.5 
_exptl_crystal.description                 ? 
_exptl_crystal.F_000                       ? 
_exptl_crystal.id                          1 
_exptl_crystal.preparation                 ? 
_exptl_crystal.size_max                    ? 
_exptl_crystal.size_mid                    ? 
_exptl_crystal.size_min                    ? 
_exptl_crystal.size_rad                    ? 
_exptl_crystal.colour_lustre               ? 
_exptl_crystal.colour_modifier             ? 
_exptl_crystal.colour_primary              ? 
_exptl_crystal.density_meas                ? 
_exptl_crystal.density_meas_esd            ? 
_exptl_crystal.density_meas_gt             ? 
_exptl_crystal.density_meas_lt             ? 
_exptl_crystal.density_meas_temp           ? 
_exptl_crystal.density_meas_temp_esd       ? 
_exptl_crystal.density_meas_temp_gt        ? 
_exptl_crystal.density_meas_temp_lt        ? 
_exptl_crystal.pdbx_crystal_image_url      ? 
_exptl_crystal.pdbx_crystal_image_format   ? 
_exptl_crystal.pdbx_mosaicity              ? 
_exptl_crystal.pdbx_mosaicity_esd          ? 
# 
_exptl_crystal_grow.apparatus       ? 
_exptl_crystal_grow.atmosphere      ? 
_exptl_crystal_grow.crystal_id      1 
_exptl_crystal_grow.details         ? 
_exptl_crystal_grow.method          'VAPOR DIFFUSION' 
_exptl_crystal_grow.method_ref      ? 
_exptl_crystal_grow.pH              7.0 
_exptl_crystal_grow.pressure        ? 
_exptl_crystal_grow.pressure_esd    ? 
_exptl_crystal_grow.seeding         ? 
_exptl_crystal_grow.seeding_ref     ? 
_exptl_crystal_grow.temp            296 
_exptl_crystal_grow.temp_details    ? 
_exptl_crystal_grow.temp_esd        ? 
_exptl_crystal_grow.time            ? 
_exptl_crystal_grow.pdbx_details    'Strontium chloride, Magnesium chloride, Sodium Cacodylate, MPD, spermine chloride' 
_exptl_crystal_grow.pdbx_pH_range   ? 
# 
_diffrn.ambient_environment    ? 
_diffrn.ambient_temp           100 
_diffrn.ambient_temp_details   ? 
_diffrn.ambient_temp_esd       ? 
_diffrn.crystal_id             1 
_diffrn.crystal_support        ? 
_diffrn.crystal_treatment      ? 
_diffrn.details                ? 
_diffrn.id                     1 
_diffrn.ambient_pressure       ? 
_diffrn.ambient_pressure_esd   ? 
_diffrn.ambient_pressure_gt    ? 
_diffrn.ambient_pressure_lt    ? 
_diffrn.ambient_temp_gt        ? 
_diffrn.ambient_temp_lt        ? 
# 
_diffrn_detector.details                      ? 
_diffrn_detector.detector                     PIXEL 
_diffrn_detector.diffrn_id                    1 
_diffrn_detector.type                         'DECTRIS PILATUS 6M' 
_diffrn_detector.area_resol_mean              ? 
_diffrn_detector.dtime                        ? 
_diffrn_detector.pdbx_frames_total            ? 
_diffrn_detector.pdbx_collection_time_total   ? 
_diffrn_detector.pdbx_collection_date         2016-12-12 
# 
_diffrn_radiation.collimation                      ? 
_diffrn_radiation.diffrn_id                        1 
_diffrn_radiation.filter_edge                      ? 
_diffrn_radiation.inhomogeneity                    ? 
_diffrn_radiation.monochromator                    ? 
_diffrn_radiation.polarisn_norm                    ? 
_diffrn_radiation.polarisn_ratio                   ? 
_diffrn_radiation.probe                            ? 
_diffrn_radiation.type                             ? 
_diffrn_radiation.xray_symbol                      ? 
_diffrn_radiation.wavelength_id                    1 
_diffrn_radiation.pdbx_monochromatic_or_laue_m_l   M 
_diffrn_radiation.pdbx_wavelength_list             ? 
_diffrn_radiation.pdbx_wavelength                  ? 
_diffrn_radiation.pdbx_diffrn_protocol             'SINGLE WAVELENGTH' 
_diffrn_radiation.pdbx_analyzer                    ? 
_diffrn_radiation.pdbx_scattering_type             x-ray 
# 
_diffrn_radiation_wavelength.id           1 
_diffrn_radiation_wavelength.wavelength   0.97264 
_diffrn_radiation_wavelength.wt           1.0 
# 
_diffrn_source.current                     ? 
_diffrn_source.details                     ? 
_diffrn_source.diffrn_id                   1 
_diffrn_source.power                       ? 
_diffrn_source.size                        ? 
_diffrn_source.source                      SYNCHROTRON 
_diffrn_source.target                      ? 
_diffrn_source.type                        'ESRF BEAMLINE ID30B' 
_diffrn_source.voltage                     ? 
_diffrn_source.take-off_angle              ? 
_diffrn_source.pdbx_wavelength_list        0.97264 
_diffrn_source.pdbx_wavelength             ? 
_diffrn_source.pdbx_synchrotron_beamline   ID30B 
_diffrn_source.pdbx_synchrotron_site       ESRF 
# 
_reflns.B_iso_Wilson_estimate            67.610 
_reflns.entry_id                         6F3C 
_reflns.data_reduction_details           ? 
_reflns.data_reduction_method            ? 
_reflns.d_resolution_high                2.290 
_reflns.d_resolution_low                 39.000 
_reflns.details                          ? 
_reflns.limit_h_max                      ? 
_reflns.limit_h_min                      ? 
_reflns.limit_k_max                      ? 
_reflns.limit_k_min                      ? 
_reflns.limit_l_max                      ? 
_reflns.limit_l_min                      ? 
_reflns.number_all                       ? 
_reflns.number_obs                       3083 
_reflns.observed_criterion               ? 
_reflns.observed_criterion_F_max         ? 
_reflns.observed_criterion_F_min         ? 
_reflns.observed_criterion_I_max         ? 
_reflns.observed_criterion_I_min         ? 
_reflns.observed_criterion_sigma_F       ? 
_reflns.observed_criterion_sigma_I       ? 
_reflns.percent_possible_obs             99.600 
_reflns.R_free_details                   ? 
_reflns.Rmerge_F_all                     ? 
_reflns.Rmerge_F_obs                     ? 
_reflns.Friedel_coverage                 ? 
_reflns.number_gt                        ? 
_reflns.threshold_expression             ? 
_reflns.pdbx_redundancy                  16.101 
_reflns.pdbx_Rmerge_I_obs                0.164 
_reflns.pdbx_Rmerge_I_all                ? 
_reflns.pdbx_Rsym_value                  ? 
_reflns.pdbx_netI_over_av_sigmaI         ? 
_reflns.pdbx_netI_over_sigmaI            10.350 
_reflns.pdbx_res_netI_over_av_sigmaI_2   ? 
_reflns.pdbx_res_netI_over_sigmaI_2      ? 
_reflns.pdbx_chi_squared                 1.032 
_reflns.pdbx_scaling_rejects             ? 
_reflns.pdbx_d_res_high_opt              ? 
_reflns.pdbx_d_res_low_opt               ? 
_reflns.pdbx_d_res_opt_method            ? 
_reflns.phase_calculation_details        ? 
_reflns.pdbx_Rrim_I_all                  0.170 
_reflns.pdbx_Rpim_I_all                  ? 
_reflns.pdbx_d_opt                       ? 
_reflns.pdbx_number_measured_all         ? 
_reflns.pdbx_diffrn_id                   1 
_reflns.pdbx_ordinal                     1 
_reflns.pdbx_CC_half                     0.993 
_reflns.pdbx_R_split                     ? 
# 
loop_
_reflns_shell.d_res_high 
_reflns_shell.d_res_low 
_reflns_shell.meanI_over_sigI_all 
_reflns_shell.meanI_over_sigI_obs 
_reflns_shell.number_measured_all 
_reflns_shell.number_measured_obs 
_reflns_shell.number_possible 
_reflns_shell.number_unique_all 
_reflns_shell.number_unique_obs 
_reflns_shell.percent_possible_all 
_reflns_shell.percent_possible_obs 
_reflns_shell.Rmerge_F_all 
_reflns_shell.Rmerge_F_obs 
_reflns_shell.Rmerge_I_all 
_reflns_shell.Rmerge_I_obs 
_reflns_shell.meanI_over_sigI_gt 
_reflns_shell.meanI_over_uI_all 
_reflns_shell.meanI_over_uI_gt 
_reflns_shell.number_measured_gt 
_reflns_shell.number_unique_gt 
_reflns_shell.percent_possible_gt 
_reflns_shell.Rmerge_F_gt 
_reflns_shell.Rmerge_I_gt 
_reflns_shell.pdbx_redundancy 
_reflns_shell.pdbx_Rsym_value 
_reflns_shell.pdbx_chi_squared 
_reflns_shell.pdbx_netI_over_sigmaI_all 
_reflns_shell.pdbx_netI_over_sigmaI_obs 
_reflns_shell.pdbx_Rrim_I_all 
_reflns_shell.pdbx_Rpim_I_all 
_reflns_shell.pdbx_rejects 
_reflns_shell.pdbx_ordinal 
_reflns_shell.pdbx_diffrn_id 
_reflns_shell.pdbx_CC_half 
_reflns_shell.pdbx_R_split 
2.290 2.430  ? 1.090  ? ? ? ? 469 98.500  ? ? ? ? 1.527 ? ? ? ? ? ? ? ? 14.985 ? ? ? ? 1.579 ? ? 1 1 0.326 ? 
2.430 2.600  ? 1.850  ? ? ? ? 449 99.800  ? ? ? ? 1.194 ? ? ? ? ? ? ? ? 17.719 ? ? ? ? 1.230 ? ? 2 1 0.299 ? 
2.600 2.810  ? 2.620  ? ? ? ? 423 100.000 ? ? ? ? 0.982 ? ? ? ? ? ? ? ? 17.097 ? ? ? ? 1.013 ? ? 3 1 0.697 ? 
2.810 3.070  ? 6.050  ? ? ? ? 404 100.000 ? ? ? ? 0.604 ? ? ? ? ? ? ? ? 15.950 ? ? ? ? 0.624 ? ? 4 1 0.952 ? 
3.070 3.430  ? 15.750 ? ? ? ? 357 100.000 ? ? ? ? 0.141 ? ? ? ? ? ? ? ? 17.039 ? ? ? ? 0.145 ? ? 5 1 0.997 ? 
3.430 3.960  ? 19.610 ? ? ? ? 316 100.000 ? ? ? ? 0.156 ? ? ? ? ? ? ? ? 17.101 ? ? ? ? 0.160 ? ? 6 1 0.997 ? 
3.960 4.840  ? 21.030 ? ? ? ? 287 100.000 ? ? ? ? 0.139 ? ? ? ? ? ? ? ? 14.690 ? ? ? ? 0.144 ? ? 7 1 0.994 ? 
4.840 6.790  ? 24.440 ? ? ? ? 233 100.000 ? ? ? ? 0.119 ? ? ? ? ? ? ? ? 15.150 ? ? ? ? 0.123 ? ? 8 1 0.996 ? 
6.790 39.000 ? 23.850 ? ? ? ? 145 98.000  ? ? ? ? 0.113 ? ? ? ? ? ? ? ? 12.034 ? ? ? ? 0.119 ? ? 9 1 0.989 ? 
# 
_refine.aniso_B[1][1]                            -4.5600 
_refine.aniso_B[1][2]                            -0.0000 
_refine.aniso_B[1][3]                            -0.0000 
_refine.aniso_B[2][2]                            -4.5600 
_refine.aniso_B[2][3]                            -0.0000 
_refine.aniso_B[3][3]                            9.1100 
_refine.B_iso_max                                140.430 
_refine.B_iso_mean                               58.2680 
_refine.B_iso_min                                21.700 
_refine.correlation_coeff_Fo_to_Fc               0.9430 
_refine.correlation_coeff_Fo_to_Fc_free          0.9390 
_refine.details                                  'U VALUES      : REFINED INDIVIDUALLY' 
_refine.diff_density_max                         ? 
_refine.diff_density_max_esd                     ? 
_refine.diff_density_min                         ? 
_refine.diff_density_min_esd                     ? 
_refine.diff_density_rms                         ? 
_refine.diff_density_rms_esd                     ? 
_refine.entry_id                                 6F3C 
_refine.pdbx_refine_id                           'X-RAY DIFFRACTION' 
_refine.ls_abs_structure_details                 ? 
_refine.ls_abs_structure_Flack                   ? 
_refine.ls_abs_structure_Flack_esd               ? 
_refine.ls_abs_structure_Rogers                  ? 
_refine.ls_abs_structure_Rogers_esd              ? 
_refine.ls_d_res_high                            2.3000 
_refine.ls_d_res_low                             39.0000 
_refine.ls_extinction_coef                       ? 
_refine.ls_extinction_coef_esd                   ? 
_refine.ls_extinction_expression                 ? 
_refine.ls_extinction_method                     ? 
_refine.ls_goodness_of_fit_all                   ? 
_refine.ls_goodness_of_fit_all_esd               ? 
_refine.ls_goodness_of_fit_obs                   ? 
_refine.ls_goodness_of_fit_obs_esd               ? 
_refine.ls_hydrogen_treatment                    ? 
_refine.ls_matrix_type                           ? 
_refine.ls_number_constraints                    ? 
_refine.ls_number_parameters                     ? 
_refine.ls_number_reflns_all                     ? 
_refine.ls_number_reflns_obs                     2732 
_refine.ls_number_reflns_R_free                  347 
_refine.ls_number_reflns_R_work                  ? 
_refine.ls_number_restraints                     ? 
_refine.ls_percent_reflns_obs                    99.5800 
_refine.ls_percent_reflns_R_free                 11.3000 
_refine.ls_R_factor_all                          ? 
_refine.ls_R_factor_obs                          0.2610 
_refine.ls_R_factor_R_free                       0.2923 
_refine.ls_R_factor_R_free_error                 ? 
_refine.ls_R_factor_R_free_error_details         ? 
_refine.ls_R_factor_R_work                       0.2573 
_refine.ls_R_Fsqd_factor_obs                     ? 
_refine.ls_R_I_factor_obs                        ? 
_refine.ls_redundancy_reflns_all                 ? 
_refine.ls_redundancy_reflns_obs                 ? 
_refine.ls_restrained_S_all                      ? 
_refine.ls_restrained_S_obs                      ? 
_refine.ls_shift_over_esd_max                    ? 
_refine.ls_shift_over_esd_mean                   ? 
_refine.ls_structure_factor_coef                 ? 
_refine.ls_weighting_details                     ? 
_refine.ls_weighting_scheme                      ? 
_refine.ls_wR_factor_all                         ? 
_refine.ls_wR_factor_obs                         ? 
_refine.ls_wR_factor_R_free                      ? 
_refine.ls_wR_factor_R_work                      ? 
_refine.occupancy_max                            ? 
_refine.occupancy_min                            ? 
_refine.solvent_model_details                    ? 
_refine.solvent_model_param_bsol                 ? 
_refine.solvent_model_param_ksol                 ? 
_refine.ls_R_factor_gt                           ? 
_refine.ls_goodness_of_fit_gt                    ? 
_refine.ls_goodness_of_fit_ref                   ? 
_refine.ls_shift_over_su_max                     ? 
_refine.ls_shift_over_su_max_lt                  ? 
_refine.ls_shift_over_su_mean                    ? 
_refine.ls_shift_over_su_mean_lt                 ? 
_refine.pdbx_ls_sigma_I                          ? 
_refine.pdbx_ls_sigma_F                          0.000 
_refine.pdbx_ls_sigma_Fsqd                       ? 
_refine.pdbx_data_cutoff_high_absF               ? 
_refine.pdbx_data_cutoff_high_rms_absF           ? 
_refine.pdbx_data_cutoff_low_absF                ? 
_refine.pdbx_isotropic_thermal_model             ? 
_refine.pdbx_ls_cross_valid_method               THROUGHOUT 
_refine.pdbx_method_to_determine_struct          'MOLECULAR REPLACEMENT' 
_refine.pdbx_starting_model                      3NP6 
_refine.pdbx_stereochemistry_target_values       ? 
_refine.pdbx_R_Free_selection_details            RANDOM 
_refine.pdbx_stereochem_target_val_spec_case     ? 
_refine.pdbx_overall_ESU_R                       0.1080 
_refine.pdbx_overall_ESU_R_Free                  0.0620 
_refine.pdbx_solvent_vdw_probe_radii             1.2000 
_refine.pdbx_solvent_ion_probe_radii             0.8000 
_refine.pdbx_solvent_shrinkage_radii             0.8000 
_refine.pdbx_real_space_R                        ? 
_refine.pdbx_density_correlation                 ? 
_refine.pdbx_pd_number_of_powder_patterns        ? 
_refine.pdbx_pd_number_of_points                 ? 
_refine.pdbx_pd_meas_number_of_points            ? 
_refine.pdbx_pd_proc_ls_prof_R_factor            ? 
_refine.pdbx_pd_proc_ls_prof_wR_factor           ? 
_refine.pdbx_pd_Marquardt_correlation_coeff      ? 
_refine.pdbx_pd_Fsqrd_R_factor                   ? 
_refine.pdbx_pd_ls_matrix_band_width             ? 
_refine.pdbx_overall_phase_error                 ? 
_refine.pdbx_overall_SU_R_free_Cruickshank_DPI   ? 
_refine.pdbx_overall_SU_R_free_Blow_DPI          ? 
_refine.pdbx_overall_SU_R_Blow_DPI               ? 
_refine.pdbx_TLS_residual_ADP_flag               ? 
_refine.pdbx_diffrn_id                           1 
_refine.overall_SU_B                             7.0480 
_refine.overall_SU_ML                            0.1730 
_refine.overall_SU_R_Cruickshank_DPI             0.1077 
_refine.overall_SU_R_free                        ? 
_refine.overall_FOM_free_R_set                   ? 
_refine.overall_FOM_work_R_set                   ? 
_refine.pdbx_average_fsc_overall                 ? 
_refine.pdbx_average_fsc_work                    ? 
_refine.pdbx_average_fsc_free                    ? 
# 
_refine_hist.cycle_id                         final 
_refine_hist.pdbx_refine_id                   'X-RAY DIFFRACTION' 
_refine_hist.d_res_high                       2.3000 
_refine_hist.d_res_low                        39.0000 
_refine_hist.pdbx_number_atoms_ligand         55 
_refine_hist.number_atoms_solvent             9 
_refine_hist.number_atoms_total               506 
_refine_hist.pdbx_number_residues_total       22 
_refine_hist.pdbx_B_iso_mean_ligand           40.51 
_refine_hist.pdbx_B_iso_mean_solvent          54.17 
_refine_hist.pdbx_number_atoms_protein        0 
_refine_hist.pdbx_number_atoms_nucleic_acid   442 
# 
loop_
_refine_ls_restr.pdbx_refine_id 
_refine_ls_restr.criterion 
_refine_ls_restr.dev_ideal 
_refine_ls_restr.dev_ideal_target 
_refine_ls_restr.number 
_refine_ls_restr.rejects 
_refine_ls_restr.type 
_refine_ls_restr.weight 
_refine_ls_restr.pdbx_restraint_function 
'X-RAY DIFFRACTION' ? 0.020 0.012 562 ? r_bond_refined_d     ? ? 
'X-RAY DIFFRACTION' ? 1.781 1.372 860 ? r_angle_refined_deg  ? ? 
'X-RAY DIFFRACTION' ? 0.100 0.200 66  ? r_chiral_restr       ? ? 
'X-RAY DIFFRACTION' ? 0.017 0.020 296 ? r_gen_planes_refined ? ? 
# 
_refine_ls_shell.pdbx_refine_id                   'X-RAY DIFFRACTION' 
_refine_ls_shell.d_res_high                       2.2950 
_refine_ls_shell.d_res_low                        2.3540 
_refine_ls_shell.number_reflns_all                217 
_refine_ls_shell.number_reflns_obs                ? 
_refine_ls_shell.number_reflns_R_free             28 
_refine_ls_shell.number_reflns_R_work             189 
_refine_ls_shell.percent_reflns_obs               97.3100 
_refine_ls_shell.percent_reflns_R_free            ? 
_refine_ls_shell.R_factor_all                     ? 
_refine_ls_shell.R_factor_obs                     ? 
_refine_ls_shell.R_factor_R_free                  0.8650 
_refine_ls_shell.R_factor_R_free_error            0.0000 
_refine_ls_shell.R_factor_R_work                  0.6890 
_refine_ls_shell.redundancy_reflns_all            ? 
_refine_ls_shell.redundancy_reflns_obs            ? 
_refine_ls_shell.wR_factor_all                    ? 
_refine_ls_shell.wR_factor_obs                    ? 
_refine_ls_shell.wR_factor_R_free                 ? 
_refine_ls_shell.wR_factor_R_work                 ? 
_refine_ls_shell.pdbx_total_number_of_bins_used   20 
_refine_ls_shell.pdbx_phase_error                 ? 
_refine_ls_shell.pdbx_fsc_work                    ? 
_refine_ls_shell.pdbx_fsc_free                    ? 
# 
_struct.entry_id                     6F3C 
_struct.title                        'The cytotoxic [Pt(H2bapbpy)] platinum complex interacting with the CGTACG hexamer' 
_struct.pdbx_model_details           ? 
_struct.pdbx_formula_weight          ? 
_struct.pdbx_formula_weight_method   ? 
_struct.pdbx_model_type_details      ? 
_struct.pdbx_CASP_flag               N 
# 
_struct_keywords.entry_id        6F3C 
_struct_keywords.text            'DRUG-DNA COMPLEX, four-way junction, DNA' 
_struct_keywords.pdbx_keywords   DNA 
# 
loop_
_struct_asym.id 
_struct_asym.pdbx_blank_PDB_chainid_flag 
_struct_asym.pdbx_modified 
_struct_asym.entity_id 
_struct_asym.details 
A N N 1 ? 
B N N 1 ? 
C N N 2 ? 
D N N 2 ? 
E N N 3 ? 
F N N 4 ? 
G N N 4 ? 
H N N 5 ? 
I N N 5 ? 
J N N 5 ? 
# 
loop_
_struct_ref.id 
_struct_ref.db_name 
_struct_ref.db_code 
_struct_ref.pdbx_db_accession 
_struct_ref.pdbx_db_isoform 
_struct_ref.entity_id 
_struct_ref.pdbx_seq_one_letter_code 
_struct_ref.pdbx_align_begin 
1 PDB 6F3C 6F3C ? 1 ? 1 
2 PDB 6F3C 6F3C ? 2 ? 1 
# 
loop_
_struct_ref_seq.align_id 
_struct_ref_seq.ref_id 
_struct_ref_seq.pdbx_PDB_id_code 
_struct_ref_seq.pdbx_strand_id 
_struct_ref_seq.seq_align_beg 
_struct_ref_seq.pdbx_seq_align_beg_ins_code 
_struct_ref_seq.seq_align_end 
_struct_ref_seq.pdbx_seq_align_end_ins_code 
_struct_ref_seq.pdbx_db_accession 
_struct_ref_seq.db_align_beg 
_struct_ref_seq.pdbx_db_align_beg_ins_code 
_struct_ref_seq.db_align_end 
_struct_ref_seq.pdbx_db_align_end_ins_code 
_struct_ref_seq.pdbx_auth_seq_align_beg 
_struct_ref_seq.pdbx_auth_seq_align_end 
1 1 6F3C B 1 ? 6 ? 6F3C 7 ? 12 ? 7 12 
2 1 6F3C D 1 ? 6 ? 6F3C 7 ? 12 ? 7 12 
3 2 6F3C C 1 ? 5 ? 6F3C 2 ? 6  ? 2 6  
4 2 6F3C A 1 ? 5 ? 6F3C 2 ? 6  ? 2 6  
# 
_pdbx_struct_assembly.id                   1 
_pdbx_struct_assembly.details              author_and_software_defined_assembly 
_pdbx_struct_assembly.method_details       PISA 
_pdbx_struct_assembly.oligomeric_details   tetrameric 
_pdbx_struct_assembly.oligomeric_count     4 
# 
loop_
_pdbx_struct_assembly_prop.biol_id 
_pdbx_struct_assembly_prop.type 
_pdbx_struct_assembly_prop.value 
_pdbx_struct_assembly_prop.details 
1 'ABSA (A^2)' 2150 ? 
1 MORE         1    ? 
1 'SSA (A^2)'  4140 ? 
# 
_pdbx_struct_assembly_gen.assembly_id       1 
_pdbx_struct_assembly_gen.oper_expression   1 
_pdbx_struct_assembly_gen.asym_id_list      A,B,C,D,E,F,G,H,I,J 
# 
_pdbx_struct_assembly_auth_evidence.id                     1 
_pdbx_struct_assembly_auth_evidence.assembly_id            1 
_pdbx_struct_assembly_auth_evidence.experimental_support   none 
_pdbx_struct_assembly_auth_evidence.details                ? 
# 
_pdbx_struct_oper_list.id                   1 
_pdbx_struct_oper_list.type                 'identity operation' 
_pdbx_struct_oper_list.name                 1_555 
_pdbx_struct_oper_list.symmetry_operation   x,y,z 
_pdbx_struct_oper_list.matrix[1][1]         1.0000000000 
_pdbx_struct_oper_list.matrix[1][2]         0.0000000000 
_pdbx_struct_oper_list.matrix[1][3]         0.0000000000 
_pdbx_struct_oper_list.vector[1]            0.0000000000 
_pdbx_struct_oper_list.matrix[2][1]         0.0000000000 
_pdbx_struct_oper_list.matrix[2][2]         1.0000000000 
_pdbx_struct_oper_list.matrix[2][3]         0.0000000000 
_pdbx_struct_oper_list.vector[2]            0.0000000000 
_pdbx_struct_oper_list.matrix[3][1]         0.0000000000 
_pdbx_struct_oper_list.matrix[3][2]         0.0000000000 
_pdbx_struct_oper_list.matrix[3][3]         1.0000000000 
_pdbx_struct_oper_list.vector[3]            0.0000000000 
# 
loop_
_struct_conn.id 
_struct_conn.conn_type_id 
_struct_conn.pdbx_leaving_atom_flag 
_struct_conn.pdbx_PDB_id 
_struct_conn.ptnr1_label_asym_id 
_struct_conn.ptnr1_label_comp_id 
_struct_conn.ptnr1_label_seq_id 
_struct_conn.ptnr1_label_atom_id 
_struct_conn.pdbx_ptnr1_label_alt_id 
_struct_conn.pdbx_ptnr1_PDB_ins_code 
_struct_conn.pdbx_ptnr1_standard_comp_id 
_struct_conn.ptnr1_symmetry 
_struct_conn.ptnr2_label_asym_id 
_struct_conn.ptnr2_label_comp_id 
_struct_conn.ptnr2_label_seq_id 
_struct_conn.ptnr2_label_atom_id 
_struct_conn.pdbx_ptnr2_label_alt_id 
_struct_conn.pdbx_ptnr2_PDB_ins_code 
_struct_conn.ptnr1_auth_asym_id 
_struct_conn.ptnr1_auth_comp_id 
_struct_conn.ptnr1_auth_seq_id 
_struct_conn.ptnr2_auth_asym_id 
_struct_conn.ptnr2_auth_comp_id 
_struct_conn.ptnr2_auth_seq_id 
_struct_conn.ptnr2_symmetry 
_struct_conn.pdbx_ptnr3_label_atom_id 
_struct_conn.pdbx_ptnr3_label_seq_id 
_struct_conn.pdbx_ptnr3_label_comp_id 
_struct_conn.pdbx_ptnr3_label_asym_id 
_struct_conn.pdbx_ptnr3_label_alt_id 
_struct_conn.pdbx_ptnr3_PDB_ins_code 
_struct_conn.details 
_struct_conn.pdbx_dist_value 
_struct_conn.pdbx_value_order 
_struct_conn.pdbx_role 
metalc1  metalc ? ? A DG 6 OP1 ? ? ? 1_555 E MG  . MG  ? ? B DG 12  B MG  101 1_555 ? ? ? ? ? ? ?               2.631 ? ? 
metalc2  metalc ? ? A DG 6 OP2 ? ? ? 1_555 E MG  . MG  ? ? B DG 12  B MG  101 4_555 ? ? ? ? ? ? ?               2.112 ? ? 
metalc3  metalc ? ? E MG . MG  ? ? ? 1_555 H HOH . O   ? ? B MG 101 B HOH 201 4_555 ? ? ? ? ? ? ?               2.289 ? ? 
metalc4  metalc ? ? E MG . MG  ? ? ? 1_555 H HOH . O   ? ? B MG 101 B HOH 202 1_555 ? ? ? ? ? ? ?               2.178 ? ? 
metalc5  metalc ? ? E MG . MG  ? ? ? 1_555 B DG  6 OP1 ? ? B MG 101 D DG  12  1_555 ? ? ? ? ? ? ?               2.046 ? ? 
hydrog1  hydrog ? ? A DG 2 N1  ? ? ? 1_555 D DC  4 N3  ? ? B DG 8   A DC  5   1_555 ? ? ? ? ? ? WATSON-CRICK    ?     ? ? 
hydrog2  hydrog ? ? A DG 2 N2  ? ? ? 1_555 D DC  4 O2  ? ? B DG 8   A DC  5   1_555 ? ? ? ? ? ? WATSON-CRICK    ?     ? ? 
hydrog3  hydrog ? ? A DG 2 O6  ? ? ? 1_555 D DC  4 N4  ? ? B DG 8   A DC  5   1_555 ? ? ? ? ? ? WATSON-CRICK    ?     ? ? 
hydrog4  hydrog ? ? A DT 3 N3  ? ? ? 1_555 D DA  3 N1  ? ? B DT 9   A DA  4   1_555 ? ? ? ? ? ? WATSON-CRICK    ?     ? ? 
hydrog5  hydrog ? ? A DT 3 O4  ? ? ? 1_555 D DA  3 N6  ? ? B DT 9   A DA  4   1_555 ? ? ? ? ? ? WATSON-CRICK    ?     ? ? 
hydrog6  hydrog ? ? A DA 4 N1  ? ? ? 1_555 D DT  2 N3  ? ? B DA 10  A DT  3   1_555 ? ? ? ? ? ? WATSON-CRICK    ?     ? ? 
hydrog7  hydrog ? ? A DA 4 N6  ? ? ? 1_555 D DT  2 O4  ? ? B DA 10  A DT  3   1_555 ? ? ? ? ? ? WATSON-CRICK    ?     ? ? 
hydrog8  hydrog ? ? A DC 5 N3  ? ? ? 1_555 D DG  1 N1  ? ? B DC 11  A DG  2   1_555 ? ? ? ? ? ? WATSON-CRICK    ?     ? ? 
hydrog9  hydrog ? ? A DC 5 N4  ? ? ? 1_555 D DG  1 O6  ? ? B DC 11  A DG  2   1_555 ? ? ? ? ? ? WATSON-CRICK    ?     ? ? 
hydrog10 hydrog ? ? A DC 5 O2  ? ? ? 1_555 D DG  1 N2  ? ? B DC 11  A DG  2   1_555 ? ? ? ? ? ? WATSON-CRICK    ?     ? ? 
hydrog11 hydrog ? ? A DG 6 N3  ? ? ? 1_555 C DG  1 N2  ? ? B DG 12  C DG  2   1_555 ? ? ? ? ? ? 'DG-DG MISPAIR' ?     ? ? 
hydrog12 hydrog ? ? B DG 2 N1  ? ? ? 1_555 C DC  4 N3  ? ? D DG 8   C DC  5   1_555 ? ? ? ? ? ? WATSON-CRICK    ?     ? ? 
hydrog13 hydrog ? ? B DG 2 N2  ? ? ? 1_555 C DC  4 O2  ? ? D DG 8   C DC  5   1_555 ? ? ? ? ? ? WATSON-CRICK    ?     ? ? 
hydrog14 hydrog ? ? B DG 2 O6  ? ? ? 1_555 C DC  4 N4  ? ? D DG 8   C DC  5   1_555 ? ? ? ? ? ? WATSON-CRICK    ?     ? ? 
hydrog15 hydrog ? ? B DT 3 N3  ? ? ? 1_555 C DA  3 N1  ? ? D DT 9   C DA  4   1_555 ? ? ? ? ? ? WATSON-CRICK    ?     ? ? 
hydrog16 hydrog ? ? B DT 3 O4  ? ? ? 1_555 C DA  3 N6  ? ? D DT 9   C DA  4   1_555 ? ? ? ? ? ? WATSON-CRICK    ?     ? ? 
hydrog17 hydrog ? ? B DA 4 N1  ? ? ? 1_555 C DT  2 N3  ? ? D DA 10  C DT  3   1_555 ? ? ? ? ? ? WATSON-CRICK    ?     ? ? 
hydrog18 hydrog ? ? B DA 4 N6  ? ? ? 1_555 C DT  2 O4  ? ? D DA 10  C DT  3   1_555 ? ? ? ? ? ? WATSON-CRICK    ?     ? ? 
hydrog19 hydrog ? ? B DC 5 N3  ? ? ? 1_555 C DG  1 N1  ? ? D DC 11  C DG  2   1_555 ? ? ? ? ? ? WATSON-CRICK    ?     ? ? 
hydrog20 hydrog ? ? B DC 5 N4  ? ? ? 1_555 C DG  1 O6  ? ? D DC 11  C DG  2   1_555 ? ? ? ? ? ? WATSON-CRICK    ?     ? ? 
hydrog21 hydrog ? ? B DC 5 O2  ? ? ? 1_555 C DG  1 N2  ? ? D DC 11  C DG  2   1_555 ? ? ? ? ? ? WATSON-CRICK    ?     ? ? 
hydrog22 hydrog ? ? B DG 6 N3  ? ? ? 1_555 D DG  1 N2  ? ? D DG 12  A DG  2   1_555 ? ? ? ? ? ? 'DG-DG MISPAIR' ?     ? ? 
# 
loop_
_struct_conn_type.id 
_struct_conn_type.criteria 
_struct_conn_type.reference 
metalc ? ? 
hydrog ? ? 
# 
loop_
_pdbx_struct_conn_angle.id 
_pdbx_struct_conn_angle.ptnr1_label_atom_id 
_pdbx_struct_conn_angle.ptnr1_label_alt_id 
_pdbx_struct_conn_angle.ptnr1_label_asym_id 
_pdbx_struct_conn_angle.ptnr1_label_comp_id 
_pdbx_struct_conn_angle.ptnr1_label_seq_id 
_pdbx_struct_conn_angle.ptnr1_auth_atom_id 
_pdbx_struct_conn_angle.ptnr1_auth_asym_id 
_pdbx_struct_conn_angle.ptnr1_auth_comp_id 
_pdbx_struct_conn_angle.ptnr1_auth_seq_id 
_pdbx_struct_conn_angle.ptnr1_PDB_ins_code 
_pdbx_struct_conn_angle.ptnr1_symmetry 
_pdbx_struct_conn_angle.ptnr2_label_atom_id 
_pdbx_struct_conn_angle.ptnr2_label_alt_id 
_pdbx_struct_conn_angle.ptnr2_label_asym_id 
_pdbx_struct_conn_angle.ptnr2_label_comp_id 
_pdbx_struct_conn_angle.ptnr2_label_seq_id 
_pdbx_struct_conn_angle.ptnr2_auth_atom_id 
_pdbx_struct_conn_angle.ptnr2_auth_asym_id 
_pdbx_struct_conn_angle.ptnr2_auth_comp_id 
_pdbx_struct_conn_angle.ptnr2_auth_seq_id 
_pdbx_struct_conn_angle.ptnr2_PDB_ins_code 
_pdbx_struct_conn_angle.ptnr2_symmetry 
_pdbx_struct_conn_angle.ptnr3_label_atom_id 
_pdbx_struct_conn_angle.ptnr3_label_alt_id 
_pdbx_struct_conn_angle.ptnr3_label_asym_id 
_pdbx_struct_conn_angle.ptnr3_label_comp_id 
_pdbx_struct_conn_angle.ptnr3_label_seq_id 
_pdbx_struct_conn_angle.ptnr3_auth_atom_id 
_pdbx_struct_conn_angle.ptnr3_auth_asym_id 
_pdbx_struct_conn_angle.ptnr3_auth_comp_id 
_pdbx_struct_conn_angle.ptnr3_auth_seq_id 
_pdbx_struct_conn_angle.ptnr3_PDB_ins_code 
_pdbx_struct_conn_angle.ptnr3_symmetry 
_pdbx_struct_conn_angle.value 
_pdbx_struct_conn_angle.value_esd 
1  OP1 ? A DG  6 ? B DG  12  ? 1_555 MG ? E MG . ? B MG 101 ? 1_555 OP2 ? A DG  6 ? B DG  12  ? 1_555 17.0  ? 
2  OP1 ? A DG  6 ? B DG  12  ? 1_555 MG ? E MG . ? B MG 101 ? 1_555 O   ? H HOH . ? B HOH 201 ? 4_555 69.0  ? 
3  OP2 ? A DG  6 ? B DG  12  ? 1_555 MG ? E MG . ? B MG 101 ? 1_555 O   ? H HOH . ? B HOH 201 ? 4_555 69.2  ? 
4  OP1 ? A DG  6 ? B DG  12  ? 1_555 MG ? E MG . ? B MG 101 ? 1_555 O   ? H HOH . ? B HOH 202 ? 1_555 57.0  ? 
5  OP2 ? A DG  6 ? B DG  12  ? 1_555 MG ? E MG . ? B MG 101 ? 1_555 O   ? H HOH . ? B HOH 202 ? 1_555 70.8  ? 
6  O   ? H HOH . ? B HOH 201 ? 4_555 MG ? E MG . ? B MG 101 ? 1_555 O   ? H HOH . ? B HOH 202 ? 1_555 108.5 ? 
7  OP1 ? A DG  6 ? B DG  12  ? 1_555 MG ? E MG . ? B MG 101 ? 1_555 OP1 ? B DG  6 ? D DG  12  ? 1_555 89.9  ? 
8  OP2 ? A DG  6 ? B DG  12  ? 1_555 MG ? E MG . ? B MG 101 ? 1_555 OP1 ? B DG  6 ? D DG  12  ? 1_555 105.1 ? 
9  O   ? H HOH . ? B HOH 201 ? 4_555 MG ? E MG . ? B MG 101 ? 1_555 OP1 ? B DG  6 ? D DG  12  ? 1_555 68.0  ? 
10 O   ? H HOH . ? B HOH 202 ? 1_555 MG ? E MG . ? B MG 101 ? 1_555 OP1 ? B DG  6 ? D DG  12  ? 1_555 68.8  ? 
# 
loop_
_struct_site.id 
_struct_site.pdbx_evidence_code 
_struct_site.pdbx_auth_asym_id 
_struct_site.pdbx_auth_comp_id 
_struct_site.pdbx_auth_seq_id 
_struct_site.pdbx_auth_ins_code 
_struct_site.pdbx_num_residues 
_struct_site.details 
AC1 Software B MG  101 ? 5  'binding site for residue MG B 101'  
AC2 Software A PT9 101 ? 10 'binding site for residue PT9 A 101' 
AC3 Software A PT9 102 ? 7  'binding site for residue PT9 A 102' 
# 
loop_
_struct_site_gen.id 
_struct_site_gen.site_id 
_struct_site_gen.pdbx_num_res 
_struct_site_gen.label_comp_id 
_struct_site_gen.label_asym_id 
_struct_site_gen.label_seq_id 
_struct_site_gen.pdbx_auth_ins_code 
_struct_site_gen.auth_comp_id 
_struct_site_gen.auth_asym_id 
_struct_site_gen.auth_seq_id 
_struct_site_gen.label_atom_id 
_struct_site_gen.label_alt_id 
_struct_site_gen.symmetry 
_struct_site_gen.details 
1  AC1 5  DG  A 6 ? DG  B 12  . ? 4_555 ? 
2  AC1 5  DG  A 6 ? DG  B 12  . ? 1_555 ? 
3  AC1 5  HOH H . ? HOH B 201 . ? 4_555 ? 
4  AC1 5  HOH H . ? HOH B 202 . ? 1_555 ? 
5  AC1 5  DG  B 6 ? DG  D 12  . ? 1_555 ? 
6  AC2 10 DC  D 4 ? DC  A 5   . ? 1_555 ? 
7  AC2 10 DG  D 5 ? DG  A 6   . ? 1_555 ? 
8  AC2 10 PT9 G . ? PT9 A 102 . ? 1_555 ? 
9  AC2 10 HOH J . ? HOH A 201 . ? 1_555 ? 
10 AC2 10 DC  A 1 ? DC  B 7   . ? 5_555 ? 
11 AC2 10 DG  A 2 ? DG  B 8   . ? 1_555 ? 
12 AC2 10 DC  C 4 ? DC  C 5   . ? 1_445 ? 
13 AC2 10 DG  C 5 ? DG  C 6   . ? 1_445 ? 
14 AC2 10 DC  B 1 ? DC  D 7   . ? 5_565 ? 
15 AC2 10 DG  B 2 ? DG  D 8   . ? 1_445 ? 
16 AC3 7  DC  D 4 ? DC  A 5   . ? 1_555 ? 
17 AC3 7  DG  D 5 ? DG  A 6   . ? 1_555 ? 
18 AC3 7  PT9 F . ? PT9 A 101 . ? 1_555 ? 
19 AC3 7  DG  A 2 ? DG  B 8   . ? 1_555 ? 
20 AC3 7  DC  C 4 ? DC  C 5   . ? 1_445 ? 
21 AC3 7  DC  B 1 ? DC  D 7   . ? 5_565 ? 
22 AC3 7  DG  B 2 ? DG  D 8   . ? 1_445 ? 
# 
_pdbx_struct_special_symmetry.id              1 
_pdbx_struct_special_symmetry.PDB_model_num   1 
_pdbx_struct_special_symmetry.auth_asym_id    B 
_pdbx_struct_special_symmetry.auth_comp_id    HOH 
_pdbx_struct_special_symmetry.auth_seq_id     204 
_pdbx_struct_special_symmetry.PDB_ins_code    ? 
_pdbx_struct_special_symmetry.label_asym_id   H 
_pdbx_struct_special_symmetry.label_comp_id   HOH 
_pdbx_struct_special_symmetry.label_seq_id    . 
# 
loop_
_chem_comp_atom.comp_id 
_chem_comp_atom.atom_id 
_chem_comp_atom.type_symbol 
_chem_comp_atom.pdbx_aromatic_flag 
_chem_comp_atom.pdbx_stereo_config 
_chem_comp_atom.pdbx_ordinal 
DA  OP3    O  N N 1   
DA  P      P  N N 2   
DA  OP1    O  N N 3   
DA  OP2    O  N N 4   
DA  "O5'"  O  N N 5   
DA  "C5'"  C  N N 6   
DA  "C4'"  C  N R 7   
DA  "O4'"  O  N N 8   
DA  "C3'"  C  N S 9   
DA  "O3'"  O  N N 10  
DA  "C2'"  C  N N 11  
DA  "C1'"  C  N R 12  
DA  N9     N  Y N 13  
DA  C8     C  Y N 14  
DA  N7     N  Y N 15  
DA  C5     C  Y N 16  
DA  C6     C  Y N 17  
DA  N6     N  N N 18  
DA  N1     N  Y N 19  
DA  C2     C  Y N 20  
DA  N3     N  Y N 21  
DA  C4     C  Y N 22  
DA  HOP3   H  N N 23  
DA  HOP2   H  N N 24  
DA  "H5'"  H  N N 25  
DA  "H5''" H  N N 26  
DA  "H4'"  H  N N 27  
DA  "H3'"  H  N N 28  
DA  "HO3'" H  N N 29  
DA  "H2'"  H  N N 30  
DA  "H2''" H  N N 31  
DA  "H1'"  H  N N 32  
DA  H8     H  N N 33  
DA  H61    H  N N 34  
DA  H62    H  N N 35  
DA  H2     H  N N 36  
DC  OP3    O  N N 37  
DC  P      P  N N 38  
DC  OP1    O  N N 39  
DC  OP2    O  N N 40  
DC  "O5'"  O  N N 41  
DC  "C5'"  C  N N 42  
DC  "C4'"  C  N R 43  
DC  "O4'"  O  N N 44  
DC  "C3'"  C  N S 45  
DC  "O3'"  O  N N 46  
DC  "C2'"  C  N N 47  
DC  "C1'"  C  N R 48  
DC  N1     N  N N 49  
DC  C2     C  N N 50  
DC  O2     O  N N 51  
DC  N3     N  N N 52  
DC  C4     C  N N 53  
DC  N4     N  N N 54  
DC  C5     C  N N 55  
DC  C6     C  N N 56  
DC  HOP3   H  N N 57  
DC  HOP2   H  N N 58  
DC  "H5'"  H  N N 59  
DC  "H5''" H  N N 60  
DC  "H4'"  H  N N 61  
DC  "H3'"  H  N N 62  
DC  "HO3'" H  N N 63  
DC  "H2'"  H  N N 64  
DC  "H2''" H  N N 65  
DC  "H1'"  H  N N 66  
DC  H41    H  N N 67  
DC  H42    H  N N 68  
DC  H5     H  N N 69  
DC  H6     H  N N 70  
DG  OP3    O  N N 71  
DG  P      P  N N 72  
DG  OP1    O  N N 73  
DG  OP2    O  N N 74  
DG  "O5'"  O  N N 75  
DG  "C5'"  C  N N 76  
DG  "C4'"  C  N R 77  
DG  "O4'"  O  N N 78  
DG  "C3'"  C  N S 79  
DG  "O3'"  O  N N 80  
DG  "C2'"  C  N N 81  
DG  "C1'"  C  N R 82  
DG  N9     N  Y N 83  
DG  C8     C  Y N 84  
DG  N7     N  Y N 85  
DG  C5     C  Y N 86  
DG  C6     C  N N 87  
DG  O6     O  N N 88  
DG  N1     N  N N 89  
DG  C2     C  N N 90  
DG  N2     N  N N 91  
DG  N3     N  N N 92  
DG  C4     C  Y N 93  
DG  HOP3   H  N N 94  
DG  HOP2   H  N N 95  
DG  "H5'"  H  N N 96  
DG  "H5''" H  N N 97  
DG  "H4'"  H  N N 98  
DG  "H3'"  H  N N 99  
DG  "HO3'" H  N N 100 
DG  "H2'"  H  N N 101 
DG  "H2''" H  N N 102 
DG  "H1'"  H  N N 103 
DG  H8     H  N N 104 
DG  H1     H  N N 105 
DG  H21    H  N N 106 
DG  H22    H  N N 107 
DT  OP3    O  N N 108 
DT  P      P  N N 109 
DT  OP1    O  N N 110 
DT  OP2    O  N N 111 
DT  "O5'"  O  N N 112 
DT  "C5'"  C  N N 113 
DT  "C4'"  C  N R 114 
DT  "O4'"  O  N N 115 
DT  "C3'"  C  N S 116 
DT  "O3'"  O  N N 117 
DT  "C2'"  C  N N 118 
DT  "C1'"  C  N R 119 
DT  N1     N  N N 120 
DT  C2     C  N N 121 
DT  O2     O  N N 122 
DT  N3     N  N N 123 
DT  C4     C  N N 124 
DT  O4     O  N N 125 
DT  C5     C  N N 126 
DT  C7     C  N N 127 
DT  C6     C  N N 128 
DT  HOP3   H  N N 129 
DT  HOP2   H  N N 130 
DT  "H5'"  H  N N 131 
DT  "H5''" H  N N 132 
DT  "H4'"  H  N N 133 
DT  "H3'"  H  N N 134 
DT  "HO3'" H  N N 135 
DT  "H2'"  H  N N 136 
DT  "H2''" H  N N 137 
DT  "H1'"  H  N N 138 
DT  H3     H  N N 139 
DT  H71    H  N N 140 
DT  H72    H  N N 141 
DT  H73    H  N N 142 
DT  H6     H  N N 143 
HOH O      O  N N 144 
HOH H1     H  N N 145 
HOH H2     H  N N 146 
MG  MG     MG N N 147 
PT9 C2     C  Y N 148 
PT9 N3     N  Y N 149 
PT9 N4     N  Y N 150 
PT9 C5     C  Y N 151 
PT9 C6     C  Y N 152 
PT9 C7     C  Y N 153 
PT9 C8     C  Y N 154 
PT9 C9     C  Y N 155 
PT9 PT1    PT N N 156 
PT9 C1     C  Y N 157 
PT9 C3     C  Y N 158 
PT9 C4     C  Y N 159 
PT9 C10    C  Y N 160 
PT9 C11    C  Y N 161 
PT9 C12    C  Y N 162 
PT9 C13    C  Y N 163 
PT9 C14    C  Y N 164 
PT9 C15    C  Y N 165 
PT9 C16    C  Y N 166 
PT9 C17    C  Y N 167 
PT9 C18    C  Y N 168 
PT9 C19    C  Y N 169 
PT9 C20    C  Y N 170 
PT9 N1     N  Y N 171 
PT9 N2     N  N N 172 
PT9 N5     N  N N 173 
PT9 N6     N  Y N 174 
PT9 H1     H  N N 175 
PT9 H2     H  N N 176 
PT9 H3     H  N N 177 
PT9 H4     H  N N 178 
PT9 H5     H  N N 179 
PT9 H6     H  N N 180 
PT9 H7     H  N N 181 
PT9 H8     H  N N 182 
PT9 H9     H  N N 183 
PT9 H10    H  N N 184 
PT9 H11    H  N N 185 
PT9 H12    H  N N 186 
PT9 H13    H  N N 187 
PT9 H14    H  N N 188 
PT9 H15    H  N N 189 
PT9 H16    H  N N 190 
# 
loop_
_chem_comp_bond.comp_id 
_chem_comp_bond.atom_id_1 
_chem_comp_bond.atom_id_2 
_chem_comp_bond.value_order 
_chem_comp_bond.pdbx_aromatic_flag 
_chem_comp_bond.pdbx_stereo_config 
_chem_comp_bond.pdbx_ordinal 
DA  OP3   P      sing N N 1   
DA  OP3   HOP3   sing N N 2   
DA  P     OP1    doub N N 3   
DA  P     OP2    sing N N 4   
DA  P     "O5'"  sing N N 5   
DA  OP2   HOP2   sing N N 6   
DA  "O5'" "C5'"  sing N N 7   
DA  "C5'" "C4'"  sing N N 8   
DA  "C5'" "H5'"  sing N N 9   
DA  "C5'" "H5''" sing N N 10  
DA  "C4'" "O4'"  sing N N 11  
DA  "C4'" "C3'"  sing N N 12  
DA  "C4'" "H4'"  sing N N 13  
DA  "O4'" "C1'"  sing N N 14  
DA  "C3'" "O3'"  sing N N 15  
DA  "C3'" "C2'"  sing N N 16  
DA  "C3'" "H3'"  sing N N 17  
DA  "O3'" "HO3'" sing N N 18  
DA  "C2'" "C1'"  sing N N 19  
DA  "C2'" "H2'"  sing N N 20  
DA  "C2'" "H2''" sing N N 21  
DA  "C1'" N9     sing N N 22  
DA  "C1'" "H1'"  sing N N 23  
DA  N9    C8     sing Y N 24  
DA  N9    C4     sing Y N 25  
DA  C8    N7     doub Y N 26  
DA  C8    H8     sing N N 27  
DA  N7    C5     sing Y N 28  
DA  C5    C6     sing Y N 29  
DA  C5    C4     doub Y N 30  
DA  C6    N6     sing N N 31  
DA  C6    N1     doub Y N 32  
DA  N6    H61    sing N N 33  
DA  N6    H62    sing N N 34  
DA  N1    C2     sing Y N 35  
DA  C2    N3     doub Y N 36  
DA  C2    H2     sing N N 37  
DA  N3    C4     sing Y N 38  
DC  OP3   P      sing N N 39  
DC  OP3   HOP3   sing N N 40  
DC  P     OP1    doub N N 41  
DC  P     OP2    sing N N 42  
DC  P     "O5'"  sing N N 43  
DC  OP2   HOP2   sing N N 44  
DC  "O5'" "C5'"  sing N N 45  
DC  "C5'" "C4'"  sing N N 46  
DC  "C5'" "H5'"  sing N N 47  
DC  "C5'" "H5''" sing N N 48  
DC  "C4'" "O4'"  sing N N 49  
DC  "C4'" "C3'"  sing N N 50  
DC  "C4'" "H4'"  sing N N 51  
DC  "O4'" "C1'"  sing N N 52  
DC  "C3'" "O3'"  sing N N 53  
DC  "C3'" "C2'"  sing N N 54  
DC  "C3'" "H3'"  sing N N 55  
DC  "O3'" "HO3'" sing N N 56  
DC  "C2'" "C1'"  sing N N 57  
DC  "C2'" "H2'"  sing N N 58  
DC  "C2'" "H2''" sing N N 59  
DC  "C1'" N1     sing N N 60  
DC  "C1'" "H1'"  sing N N 61  
DC  N1    C2     sing N N 62  
DC  N1    C6     sing N N 63  
DC  C2    O2     doub N N 64  
DC  C2    N3     sing N N 65  
DC  N3    C4     doub N N 66  
DC  C4    N4     sing N N 67  
DC  C4    C5     sing N N 68  
DC  N4    H41    sing N N 69  
DC  N4    H42    sing N N 70  
DC  C5    C6     doub N N 71  
DC  C5    H5     sing N N 72  
DC  C6    H6     sing N N 73  
DG  OP3   P      sing N N 74  
DG  OP3   HOP3   sing N N 75  
DG  P     OP1    doub N N 76  
DG  P     OP2    sing N N 77  
DG  P     "O5'"  sing N N 78  
DG  OP2   HOP2   sing N N 79  
DG  "O5'" "C5'"  sing N N 80  
DG  "C5'" "C4'"  sing N N 81  
DG  "C5'" "H5'"  sing N N 82  
DG  "C5'" "H5''" sing N N 83  
DG  "C4'" "O4'"  sing N N 84  
DG  "C4'" "C3'"  sing N N 85  
DG  "C4'" "H4'"  sing N N 86  
DG  "O4'" "C1'"  sing N N 87  
DG  "C3'" "O3'"  sing N N 88  
DG  "C3'" "C2'"  sing N N 89  
DG  "C3'" "H3'"  sing N N 90  
DG  "O3'" "HO3'" sing N N 91  
DG  "C2'" "C1'"  sing N N 92  
DG  "C2'" "H2'"  sing N N 93  
DG  "C2'" "H2''" sing N N 94  
DG  "C1'" N9     sing N N 95  
DG  "C1'" "H1'"  sing N N 96  
DG  N9    C8     sing Y N 97  
DG  N9    C4     sing Y N 98  
DG  C8    N7     doub Y N 99  
DG  C8    H8     sing N N 100 
DG  N7    C5     sing Y N 101 
DG  C5    C6     sing N N 102 
DG  C5    C4     doub Y N 103 
DG  C6    O6     doub N N 104 
DG  C6    N1     sing N N 105 
DG  N1    C2     sing N N 106 
DG  N1    H1     sing N N 107 
DG  C2    N2     sing N N 108 
DG  C2    N3     doub N N 109 
DG  N2    H21    sing N N 110 
DG  N2    H22    sing N N 111 
DG  N3    C4     sing N N 112 
DT  OP3   P      sing N N 113 
DT  OP3   HOP3   sing N N 114 
DT  P     OP1    doub N N 115 
DT  P     OP2    sing N N 116 
DT  P     "O5'"  sing N N 117 
DT  OP2   HOP2   sing N N 118 
DT  "O5'" "C5'"  sing N N 119 
DT  "C5'" "C4'"  sing N N 120 
DT  "C5'" "H5'"  sing N N 121 
DT  "C5'" "H5''" sing N N 122 
DT  "C4'" "O4'"  sing N N 123 
DT  "C4'" "C3'"  sing N N 124 
DT  "C4'" "H4'"  sing N N 125 
DT  "O4'" "C1'"  sing N N 126 
DT  "C3'" "O3'"  sing N N 127 
DT  "C3'" "C2'"  sing N N 128 
DT  "C3'" "H3'"  sing N N 129 
DT  "O3'" "HO3'" sing N N 130 
DT  "C2'" "C1'"  sing N N 131 
DT  "C2'" "H2'"  sing N N 132 
DT  "C2'" "H2''" sing N N 133 
DT  "C1'" N1     sing N N 134 
DT  "C1'" "H1'"  sing N N 135 
DT  N1    C2     sing N N 136 
DT  N1    C6     sing N N 137 
DT  C2    O2     doub N N 138 
DT  C2    N3     sing N N 139 
DT  N3    C4     sing N N 140 
DT  N3    H3     sing N N 141 
DT  C4    O4     doub N N 142 
DT  C4    C5     sing N N 143 
DT  C5    C7     sing N N 144 
DT  C5    C6     doub N N 145 
DT  C7    H71    sing N N 146 
DT  C7    H72    sing N N 147 
DT  C7    H73    sing N N 148 
DT  C6    H6     sing N N 149 
HOH O     H1     sing N N 150 
HOH O     H2     sing N N 151 
PT9 C8    C9     doub Y N 152 
PT9 C8    C7     sing Y N 153 
PT9 C9    C10    sing Y N 154 
PT9 C7    C6     doub Y N 155 
PT9 C12   C13    doub Y N 156 
PT9 C12   C11    sing Y N 157 
PT9 C10   C11    sing N N 158 
PT9 C10   N3     doub Y N 159 
PT9 C13   C14    sing Y N 160 
PT9 C11   N4     doub Y N 161 
PT9 C6    N3     sing Y N 162 
PT9 C6    N2     sing N N 163 
PT9 N3    PT1    sing N N 164 
PT9 N2    C5     sing N N 165 
PT9 C14   C15    doub Y N 166 
PT9 N4    C15    sing Y N 167 
PT9 N4    PT1    sing N N 168 
PT9 C15   N5     sing N N 169 
PT9 C5    C4     sing Y N 170 
PT9 C5    N1     doub Y N 171 
PT9 PT1   N1     sing N N 172 
PT9 PT1   N6     sing N N 173 
PT9 C4    C3     doub Y N 174 
PT9 N1    C1     sing Y N 175 
PT9 N5    C16    sing N N 176 
PT9 C3    C2     sing Y N 177 
PT9 N6    C16    doub Y N 178 
PT9 N6    C20    sing Y N 179 
PT9 C16   C17    sing Y N 180 
PT9 C1    C2     doub Y N 181 
PT9 C20   C19    doub Y N 182 
PT9 C17   C18    doub Y N 183 
PT9 C19   C18    sing Y N 184 
PT9 C2    H1     sing N N 185 
PT9 C7    H2     sing N N 186 
PT9 C8    H3     sing N N 187 
PT9 C9    H4     sing N N 188 
PT9 C1    H5     sing N N 189 
PT9 C3    H6     sing N N 190 
PT9 C4    H7     sing N N 191 
PT9 C12   H8     sing N N 192 
PT9 C13   H9     sing N N 193 
PT9 C14   H10    sing N N 194 
PT9 C17   H11    sing N N 195 
PT9 C18   H12    sing N N 196 
PT9 C19   H13    sing N N 197 
PT9 C20   H14    sing N N 198 
PT9 N5    H15    sing N N 199 
PT9 N2    H16    sing N N 200 
# 
loop_
_ndb_struct_conf_na.entry_id 
_ndb_struct_conf_na.feature 
6F3C 'double helix'        
6F3C 'b-form double helix' 
# 
loop_
_ndb_struct_na_base_pair.model_number 
_ndb_struct_na_base_pair.i_label_asym_id 
_ndb_struct_na_base_pair.i_label_comp_id 
_ndb_struct_na_base_pair.i_label_seq_id 
_ndb_struct_na_base_pair.i_symmetry 
_ndb_struct_na_base_pair.j_label_asym_id 
_ndb_struct_na_base_pair.j_label_comp_id 
_ndb_struct_na_base_pair.j_label_seq_id 
_ndb_struct_na_base_pair.j_symmetry 
_ndb_struct_na_base_pair.shear 
_ndb_struct_na_base_pair.stretch 
_ndb_struct_na_base_pair.stagger 
_ndb_struct_na_base_pair.buckle 
_ndb_struct_na_base_pair.propeller 
_ndb_struct_na_base_pair.opening 
_ndb_struct_na_base_pair.pair_number 
_ndb_struct_na_base_pair.pair_name 
_ndb_struct_na_base_pair.i_auth_asym_id 
_ndb_struct_na_base_pair.i_auth_seq_id 
_ndb_struct_na_base_pair.i_PDB_ins_code 
_ndb_struct_na_base_pair.j_auth_asym_id 
_ndb_struct_na_base_pair.j_auth_seq_id 
_ndb_struct_na_base_pair.j_PDB_ins_code 
_ndb_struct_na_base_pair.hbond_type_28 
_ndb_struct_na_base_pair.hbond_type_12 
1 A DG 2 1_555 D DC 4 1_555 -1.577 -0.828 0.085  -7.598 -0.583 -1.844  1 B_DG8:DC5_A  B 8  ? A 5  ? 19 1 
1 A DT 3 1_555 D DA 3 1_555 -0.891 -0.282 -0.073 1.079  -4.115 -8.765  2 B_DT9:DA4_A  B 9  ? A 4  ? 20 1 
1 A DA 4 1_555 D DT 2 1_555 -0.376 -0.408 0.116  -2.075 -6.465 -2.828  3 B_DA10:DT3_A B 10 ? A 3  ? 20 1 
1 A DC 5 1_555 D DG 1 1_555 0.136  -0.756 0.092  8.135  3.696  -1.617  4 B_DC11:DG2_A B 11 ? A 2  ? 19 1 
1 C DG 1 1_555 B DC 5 1_555 0.060  -0.635 -0.107 -4.931 5.974  -4.928  5 C_DG2:DC11_D C 2  ? D 11 ? 19 1 
1 C DT 2 1_555 B DA 4 1_555 -0.335 -0.192 0.396  -7.214 -3.372 -6.344  6 C_DT3:DA10_D C 3  ? D 10 ? 20 1 
1 C DA 3 1_555 B DT 3 1_555 0.619  -0.280 -0.216 -4.864 -1.125 -10.171 7 C_DA4:DT9_D  C 4  ? D 9  ? 20 1 
1 C DC 4 1_555 B DG 2 1_555 0.407  -0.665 -0.138 9.444  -3.066 -8.127  8 C_DC5:DG8_D  C 5  ? D 8  ? 19 1 
# 
loop_
_ndb_struct_na_base_pair_step.model_number 
_ndb_struct_na_base_pair_step.i_label_asym_id_1 
_ndb_struct_na_base_pair_step.i_label_comp_id_1 
_ndb_struct_na_base_pair_step.i_label_seq_id_1 
_ndb_struct_na_base_pair_step.i_symmetry_1 
_ndb_struct_na_base_pair_step.j_label_asym_id_1 
_ndb_struct_na_base_pair_step.j_label_comp_id_1 
_ndb_struct_na_base_pair_step.j_label_seq_id_1 
_ndb_struct_na_base_pair_step.j_symmetry_1 
_ndb_struct_na_base_pair_step.i_label_asym_id_2 
_ndb_struct_na_base_pair_step.i_label_comp_id_2 
_ndb_struct_na_base_pair_step.i_label_seq_id_2 
_ndb_struct_na_base_pair_step.i_symmetry_2 
_ndb_struct_na_base_pair_step.j_label_asym_id_2 
_ndb_struct_na_base_pair_step.j_label_comp_id_2 
_ndb_struct_na_base_pair_step.j_label_seq_id_2 
_ndb_struct_na_base_pair_step.j_symmetry_2 
_ndb_struct_na_base_pair_step.shift 
_ndb_struct_na_base_pair_step.slide 
_ndb_struct_na_base_pair_step.rise 
_ndb_struct_na_base_pair_step.tilt 
_ndb_struct_na_base_pair_step.roll 
_ndb_struct_na_base_pair_step.twist 
_ndb_struct_na_base_pair_step.x_displacement 
_ndb_struct_na_base_pair_step.y_displacement 
_ndb_struct_na_base_pair_step.helical_rise 
_ndb_struct_na_base_pair_step.inclination 
_ndb_struct_na_base_pair_step.tip 
_ndb_struct_na_base_pair_step.helical_twist 
_ndb_struct_na_base_pair_step.step_number 
_ndb_struct_na_base_pair_step.step_name 
_ndb_struct_na_base_pair_step.i_auth_asym_id_1 
_ndb_struct_na_base_pair_step.i_auth_seq_id_1 
_ndb_struct_na_base_pair_step.i_PDB_ins_code_1 
_ndb_struct_na_base_pair_step.j_auth_asym_id_1 
_ndb_struct_na_base_pair_step.j_auth_seq_id_1 
_ndb_struct_na_base_pair_step.j_PDB_ins_code_1 
_ndb_struct_na_base_pair_step.i_auth_asym_id_2 
_ndb_struct_na_base_pair_step.i_auth_seq_id_2 
_ndb_struct_na_base_pair_step.i_PDB_ins_code_2 
_ndb_struct_na_base_pair_step.j_auth_asym_id_2 
_ndb_struct_na_base_pair_step.j_auth_seq_id_2 
_ndb_struct_na_base_pair_step.j_PDB_ins_code_2 
1 A DG 2 1_555 D DC 4 1_555 A DT 3 1_555 D DA 3 1_555 -0.802 -0.440 3.237 1.706  0.751 38.448  -0.760 1.424  3.191 1.140  -2.589 
38.491  1 BB_DG8DT9:DA4DC5_AA   B 8  ? A 5  ? B 9  ? A 4  ? 
1 A DT 3 1_555 D DA 3 1_555 A DA 4 1_555 D DT 2 1_555 0.077  -0.011 3.334 -1.428 1.076 38.953  -0.149 -0.291 3.328 1.612  2.140  
38.993  2 BB_DT9DA10:DT3DA4_AA  B 9  ? A 4  ? B 10 ? A 3  ? 
1 A DA 4 1_555 D DT 2 1_555 A DC 5 1_555 D DG 1 1_555 0.478  0.114  3.143 0.712  4.488 31.412  -0.587 -0.748 3.138 8.236  -1.306 
31.731  3 BB_DA10DC11:DG2DT3_AA B 10 ? A 3  ? B 11 ? A 2  ? 
1 A DC 5 1_555 D DG 1 1_555 C DG 1 1_555 B DC 5 1_555 -0.068 1.124  3.579 2.236  0.851 -69.460 -1.020 0.029  3.567 -0.747 1.962  
-69.496 4 BC_DC11DG2:DC11DG2_DA B 11 ? A 2  ? C 2  ? D 11 ? 
1 C DG 1 1_555 B DC 5 1_555 C DT 2 1_555 B DA 4 1_555 -0.351 -0.152 3.408 -5.053 4.079 26.759  -1.369 -0.561 3.356 8.652  10.719 
27.522  5 CC_DG2DT3:DA10DC11_DD C 2  ? D 11 ? C 3  ? D 10 ? 
1 C DT 2 1_555 B DA 4 1_555 C DA 3 1_555 B DT 3 1_555 -0.246 -0.181 3.296 4.266  0.258 40.534  -0.288 0.826  3.254 0.372  -6.137 
40.750  6 CC_DT3DA4:DT9DA10_DD  C 3  ? D 10 ? C 4  ? D 9  ? 
1 C DA 3 1_555 B DT 3 1_555 C DC 4 1_555 B DG 2 1_555 0.869  -0.674 3.094 -2.508 1.715 27.812  -1.772 -2.349 2.959 3.555  5.198  
27.974  7 CC_DA4DC5:DG8DT9_DD   C 4  ? D 9  ? C 5  ? D 8  ? 
# 
_pdbx_entity_instance_feature.ordinal        1 
_pdbx_entity_instance_feature.comp_id        PT9 
_pdbx_entity_instance_feature.asym_id        ? 
_pdbx_entity_instance_feature.seq_num        ? 
_pdbx_entity_instance_feature.auth_comp_id   PT9 
_pdbx_entity_instance_feature.auth_asym_id   ? 
_pdbx_entity_instance_feature.auth_seq_num   ? 
_pdbx_entity_instance_feature.feature_type   'SUBJECT OF INVESTIGATION' 
_pdbx_entity_instance_feature.details        ? 
# 
_pdbx_initial_refinement_model.id               1 
_pdbx_initial_refinement_model.entity_id_list   ? 
_pdbx_initial_refinement_model.type             'experimental model' 
_pdbx_initial_refinement_model.source_name      PDB 
_pdbx_initial_refinement_model.accession_code   3NP6 
_pdbx_initial_refinement_model.details          ? 
# 
loop_
_pdbx_reflns_twin.domain_id 
_pdbx_reflns_twin.crystal_id 
_pdbx_reflns_twin.diffrn_id 
_pdbx_reflns_twin.fraction 
_pdbx_reflns_twin.operator 
_pdbx_reflns_twin.type 
_pdbx_reflns_twin.mean_F_square_over_mean_F2 
_pdbx_reflns_twin.mean_I2_over_mean_I_square 
1 1 1 0.176 'H,  K,  L' ? ? ? 
2 1 1 0.824 -h,-k,l     ? ? ? 
# 
_atom_sites.entry_id                    6F3C 
_atom_sites.fract_transf_matrix[1][1]   0.01631573 
_atom_sites.fract_transf_matrix[1][2]   -0.01253588 
_atom_sites.fract_transf_matrix[1][3]   0.03239272 
_atom_sites.fract_transf_matrix[2][1]   -0.01549220 
_atom_sites.fract_transf_matrix[2][2]   0.00887558 
_atom_sites.fract_transf_matrix[2][3]   0.03396846 
_atom_sites.fract_transf_matrix[3][1]   -0.00478105 
_atom_sites.fract_transf_matrix[3][2]   -0.00707815 
_atom_sites.fract_transf_matrix[3][3]   -0.00033108 
_atom_sites.fract_transf_vector[1]      0.252861 
_atom_sites.fract_transf_vector[2]      0.424447 
_atom_sites.fract_transf_vector[3]      0.083706 
# 
loop_
_atom_type.symbol 
C  
MG 
N  
O  
P  
PT 
# 
loop_
_atom_site.group_PDB 
_atom_site.id 
_atom_site.type_symbol 
_atom_site.label_atom_id 
_atom_site.label_alt_id 
_atom_site.label_comp_id 
_atom_site.label_asym_id 
_atom_site.label_entity_id 
_atom_site.label_seq_id 
_atom_site.pdbx_PDB_ins_code 
_atom_site.Cartn_x 
_atom_site.Cartn_y 
_atom_site.Cartn_z 
_atom_site.occupancy 
_atom_site.B_iso_or_equiv 
_atom_site.pdbx_formal_charge 
_atom_site.auth_seq_id 
_atom_site.auth_comp_id 
_atom_site.auth_asym_id 
_atom_site.auth_atom_id 
_atom_site.pdbx_PDB_model_num 
ATOM   1   O  "O5'" . DC  A 1 1 ? -3.358  -7.346  -5.449  1.00 95.04  ? 7   DC  B "O5'" 1 
ATOM   2   C  "C5'" . DC  A 1 1 ? -3.283  -8.788  -5.501  1.00 94.86  ? 7   DC  B "C5'" 1 
ATOM   3   C  "C4'" . DC  A 1 1 ? -3.710  -9.278  -6.868  1.00 93.48  ? 7   DC  B "C4'" 1 
ATOM   4   O  "O4'" . DC  A 1 1 ? -3.310  -10.658 -7.070  1.00 87.69  ? 7   DC  B "O4'" 1 
ATOM   5   C  "C3'" . DC  A 1 1 ? -5.220  -9.223  -7.125  1.00 94.93  ? 7   DC  B "C3'" 1 
ATOM   6   O  "O3'" . DC  A 1 1 ? -5.529  -8.723  -8.431  1.00 85.56  ? 7   DC  B "O3'" 1 
ATOM   7   C  "C2'" . DC  A 1 1 ? -5.638  -10.681 -7.093  1.00 95.34  ? 7   DC  B "C2'" 1 
ATOM   8   C  "C1'" . DC  A 1 1 ? -4.396  -11.387 -7.607  1.00 88.36  ? 7   DC  B "C1'" 1 
ATOM   9   N  N1    . DC  A 1 1 ? -4.286  -12.779 -7.142  1.00 88.82  ? 7   DC  B N1    1 
ATOM   10  C  C2    . DC  A 1 1 ? -4.903  -13.797 -7.888  1.00 85.76  ? 7   DC  B C2    1 
ATOM   11  O  O2    . DC  A 1 1 ? -5.501  -13.500 -8.936  1.00 68.28  ? 7   DC  B O2    1 
ATOM   12  N  N3    . DC  A 1 1 ? -4.831  -15.075 -7.445  1.00 83.74  ? 7   DC  B N3    1 
ATOM   13  C  C4    . DC  A 1 1 ? -4.176  -15.353 -6.312  1.00 89.01  ? 7   DC  B C4    1 
ATOM   14  N  N4    . DC  A 1 1 ? -4.127  -16.628 -5.916  1.00 79.18  ? 7   DC  B N4    1 
ATOM   15  C  C5    . DC  A 1 1 ? -3.546  -14.336 -5.534  1.00 85.19  ? 7   DC  B C5    1 
ATOM   16  C  C6    . DC  A 1 1 ? -3.630  -13.076 -5.978  1.00 85.47  ? 7   DC  B C6    1 
ATOM   17  P  P     . DG  A 1 2 ? -5.416  -7.167  -8.783  1.00 91.33  ? 8   DG  B P     1 
ATOM   18  O  OP1   . DG  A 1 2 ? -4.760  -6.472  -7.644  1.00 71.10  ? 8   DG  B OP1   1 
ATOM   19  O  OP2   . DG  A 1 2 ? -6.760  -6.692  -9.234  1.00 94.74  ? 8   DG  B OP2   1 
ATOM   20  O  "O5'" . DG  A 1 2 ? -4.449  -7.201  -10.048 1.00 73.65  ? 8   DG  B "O5'" 1 
ATOM   21  C  "C5'" . DG  A 1 2 ? -3.178  -7.898  -9.980  1.00 62.60  ? 8   DG  B "C5'" 1 
ATOM   22  C  "C4'" . DG  A 1 2 ? -2.069  -7.014  -10.490 1.00 54.56  ? 8   DG  B "C4'" 1 
ATOM   23  O  "O4'" . DG  A 1 2 ? -2.657  -5.745  -10.834 1.00 48.44  ? 8   DG  B "O4'" 1 
ATOM   24  C  "C3'" . DG  A 1 2 ? -1.001  -6.680  -9.455  1.00 56.89  ? 8   DG  B "C3'" 1 
ATOM   25  O  "O3'" . DG  A 1 2 ? 0.099   -7.591  -9.375  1.00 62.06  ? 8   DG  B "O3'" 1 
ATOM   26  C  "C2'" . DG  A 1 2 ? -0.552  -5.280  -9.835  1.00 51.05  ? 8   DG  B "C2'" 1 
ATOM   27  C  "C1'" . DG  A 1 2 ? -1.682  -4.742  -10.694 1.00 37.72  ? 8   DG  B "C1'" 1 
ATOM   28  N  N9    . DG  A 1 2 ? -2.367  -3.525  -10.304 1.00 30.79  ? 8   DG  B N9    1 
ATOM   29  C  C8    . DG  A 1 2 ? -3.717  -3.332  -10.125 1.00 26.44  ? 8   DG  B C8    1 
ATOM   30  N  N7    . DG  A 1 2 ? -4.032  -2.078  -9.905  1.00 30.40  ? 8   DG  B N7    1 
ATOM   31  C  C5    . DG  A 1 2 ? -2.806  -1.413  -9.889  1.00 26.71  ? 8   DG  B C5    1 
ATOM   32  C  C6    . DG  A 1 2 ? -2.523  -0.027  -9.810  1.00 28.15  ? 8   DG  B C6    1 
ATOM   33  O  O6    . DG  A 1 2 ? -3.319  0.910   -9.633  1.00 41.68  ? 8   DG  B O6    1 
ATOM   34  N  N1    . DG  A 1 2 ? -1.155  0.230   -9.926  1.00 21.70  ? 8   DG  B N1    1 
ATOM   35  C  C2    . DG  A 1 2 ? -0.195  -0.728  -10.129 1.00 32.30  ? 8   DG  B C2    1 
ATOM   36  N  N2    . DG  A 1 2 ? 1.059   -0.285  -10.231 1.00 37.43  ? 8   DG  B N2    1 
ATOM   37  N  N3    . DG  A 1 2 ? -0.457  -2.020  -10.298 1.00 25.75  ? 8   DG  B N3    1 
ATOM   38  C  C4    . DG  A 1 2 ? -1.773  -2.286  -10.164 1.00 27.58  ? 8   DG  B C4    1 
ATOM   39  P  P     . DT  A 1 3 ? 0.708   -7.908  -7.901  1.00 81.36  ? 9   DT  B P     1 
ATOM   40  O  OP1   . DT  A 1 3 ? 1.501   -9.181  -7.906  1.00 57.49  ? 9   DT  B OP1   1 
ATOM   41  O  OP2   . DT  A 1 3 ? -0.386  -7.684  -6.899  1.00 76.38  ? 9   DT  B OP2   1 
ATOM   42  O  "O5'" . DT  A 1 3 ? 1.808   -6.782  -7.733  1.00 69.66  ? 9   DT  B "O5'" 1 
ATOM   43  C  "C5'" . DT  A 1 3 ? 2.748   -6.513  -8.774  1.00 65.15  ? 9   DT  B "C5'" 1 
ATOM   44  C  "C4'" . DT  A 1 3 ? 3.442   -5.217  -8.428  1.00 62.55  ? 9   DT  B "C4'" 1 
ATOM   45  O  "O4'" . DT  A 1 3 ? 2.475   -4.136  -8.471  1.00 54.79  ? 9   DT  B "O4'" 1 
ATOM   46  C  "C3'" . DT  A 1 3 ? 4.051   -5.208  -7.024  1.00 61.63  ? 9   DT  B "C3'" 1 
ATOM   47  O  "O3'" . DT  A 1 3 ? 5.421   -4.809  -7.178  1.00 75.60  ? 9   DT  B "O3'" 1 
ATOM   48  C  "C2'" . DT  A 1 3 ? 3.135   -4.285  -6.227  1.00 48.80  ? 9   DT  B "C2'" 1 
ATOM   49  C  "C1'" . DT  A 1 3 ? 2.565   -3.358  -7.296  1.00 40.73  ? 9   DT  B "C1'" 1 
ATOM   50  N  N1    . DT  A 1 3 ? 1.231   -2.750  -7.059  1.00 36.89  ? 9   DT  B N1    1 
ATOM   51  C  C2    . DT  A 1 3 ? 1.186   -1.379  -6.993  1.00 40.23  ? 9   DT  B C2    1 
ATOM   52  O  O2    . DT  A 1 3 ? 2.177   -0.672  -7.121  1.00 42.34  ? 9   DT  B O2    1 
ATOM   53  N  N3    . DT  A 1 3 ? -0.067  -0.856  -6.803  1.00 31.55  ? 9   DT  B N3    1 
ATOM   54  C  C4    . DT  A 1 3 ? -1.244  -1.548  -6.630  1.00 37.99  ? 9   DT  B C4    1 
ATOM   55  O  O4    . DT  A 1 3 ? -2.298  -0.926  -6.464  1.00 34.88  ? 9   DT  B O4    1 
ATOM   56  C  C5    . DT  A 1 3 ? -1.123  -2.992  -6.679  1.00 31.38  ? 9   DT  B C5    1 
ATOM   57  C  C7    . DT  A 1 3 ? -2.360  -3.828  -6.553  1.00 40.89  ? 9   DT  B C7    1 
ATOM   58  C  C6    . DT  A 1 3 ? 0.093   -3.514  -6.886  1.00 35.13  ? 9   DT  B C6    1 
ATOM   59  P  P     . DA  A 1 4 ? 6.434   -4.847  -5.937  1.00 82.55  ? 10  DA  B P     1 
ATOM   60  O  OP1   . DA  A 1 4 ? 7.755   -5.352  -6.425  1.00 77.95  ? 10  DA  B OP1   1 
ATOM   61  O  OP2   . DA  A 1 4 ? 5.756   -5.532  -4.784  1.00 83.53  ? 10  DA  B OP2   1 
ATOM   62  O  "O5'" . DA  A 1 4 ? 6.620   -3.300  -5.589  1.00 81.60  ? 10  DA  B "O5'" 1 
ATOM   63  C  "C5'" . DA  A 1 4 ? 6.292   -2.211  -6.484  1.00 65.04  ? 10  DA  B "C5'" 1 
ATOM   64  C  "C4'" . DA  A 1 4 ? 6.429   -0.903  -5.735  1.00 59.07  ? 10  DA  B "C4'" 1 
ATOM   65  O  "O4'" . DA  A 1 4 ? 5.131   -0.292  -5.562  1.00 54.95  ? 10  DA  B "O4'" 1 
ATOM   66  C  "C3'" . DA  A 1 4 ? 7.016   -1.005  -4.326  1.00 64.65  ? 10  DA  B "C3'" 1 
ATOM   67  O  "O3'" . DA  A 1 4 ? 7.743   0.197   -4.019  1.00 76.48  ? 10  DA  B "O3'" 1 
ATOM   68  C  "C2'" . DA  A 1 4 ? 5.778   -1.094  -3.447  1.00 55.05  ? 10  DA  B "C2'" 1 
ATOM   69  C  "C1'" . DA  A 1 4 ? 4.824   -0.156  -4.164  1.00 52.44  ? 10  DA  B "C1'" 1 
ATOM   70  N  N9    . DA  A 1 4 ? 3.418   -0.519  -3.957  1.00 40.40  ? 10  DA  B N9    1 
ATOM   71  C  C8    . DA  A 1 4 ? 2.916   -1.796  -3.910  1.00 32.91  ? 10  DA  B C8    1 
ATOM   72  N  N7    . DA  A 1 4 ? 1.618   -1.845  -3.717  1.00 40.94  ? 10  DA  B N7    1 
ATOM   73  C  C5    . DA  A 1 4 ? 1.245   -0.509  -3.615  1.00 29.15  ? 10  DA  B C5    1 
ATOM   74  C  C6    . DA  A 1 4 ? 0.009   0.112   -3.353  1.00 27.30  ? 10  DA  B C6    1 
ATOM   75  N  N6    . DA  A 1 4 ? -1.145  -0.551  -3.221  1.00 28.60  ? 10  DA  B N6    1 
ATOM   76  N  N1    . DA  A 1 4 ? -0.017  1.460   -3.278  1.00 28.40  ? 10  DA  B N1    1 
ATOM   77  C  C2    . DA  A 1 4 ? 1.132   2.128   -3.458  1.00 32.34  ? 10  DA  B C2    1 
ATOM   78  N  N3    . DA  A 1 4 ? 2.348   1.658   -3.709  1.00 29.52  ? 10  DA  B N3    1 
ATOM   79  C  C4    . DA  A 1 4 ? 2.343   0.316   -3.750  1.00 32.27  ? 10  DA  B C4    1 
ATOM   80  P  P     . DC  A 1 5 ? 8.826   0.246   -2.809  1.00 84.06  ? 11  DC  B P     1 
ATOM   81  O  OP1   . DC  A 1 5 ? 10.166  0.419   -3.421  1.00 75.18  ? 11  DC  B OP1   1 
ATOM   82  O  OP2   . DC  A 1 5 ? 8.616   -0.917  -1.897  1.00 91.60  ? 11  DC  B OP2   1 
ATOM   83  O  "O5'" . DC  A 1 5 ? 8.352   1.531   -1.985  1.00 74.92  ? 11  DC  B "O5'" 1 
ATOM   84  C  "C5'" . DC  A 1 5 ? 7.174   2.270   -2.360  1.00 57.83  ? 11  DC  B "C5'" 1 
ATOM   85  C  "C4'" . DC  A 1 5 ? 6.481   2.817   -1.141  1.00 54.27  ? 11  DC  B "C4'" 1 
ATOM   86  O  "O4'" . DC  A 1 5 ? 5.094   2.400   -1.124  1.00 58.35  ? 11  DC  B "O4'" 1 
ATOM   87  C  "C3'" . DC  A 1 5 ? 7.080   2.410   0.213   1.00 50.38  ? 11  DC  B "C3'" 1 
ATOM   88  O  "O3'" . DC  A 1 5 ? 7.111   3.650   0.936   1.00 47.38  ? 11  DC  B "O3'" 1 
ATOM   89  C  "C2'" . DC  A 1 5 ? 6.090   1.385   0.724   1.00 51.94  ? 11  DC  B "C2'" 1 
ATOM   90  C  "C1'" . DC  A 1 5 ? 4.772   1.872   0.151   1.00 45.82  ? 11  DC  B "C1'" 1 
ATOM   91  N  N1    . DC  A 1 5 ? 3.736   0.816   -0.025  1.00 34.47  ? 11  DC  B N1    1 
ATOM   92  C  C2    . DC  A 1 5 ? 2.389   1.174   0.047   1.00 33.26  ? 11  DC  B C2    1 
ATOM   93  O  O2    . DC  A 1 5 ? 2.092   2.366   0.239   1.00 31.28  ? 11  DC  B O2    1 
ATOM   94  N  N3    . DC  A 1 5 ? 1.440   0.225   -0.122  1.00 32.54  ? 11  DC  B N3    1 
ATOM   95  C  C4    . DC  A 1 5 ? 1.799   -1.051  -0.306  1.00 34.74  ? 11  DC  B C4    1 
ATOM   96  N  N4    . DC  A 1 5 ? 0.827   -1.963  -0.439  1.00 27.06  ? 11  DC  B N4    1 
ATOM   97  C  C5    . DC  A 1 5 ? 3.163   -1.439  -0.416  1.00 35.97  ? 11  DC  B C5    1 
ATOM   98  C  C6    . DC  A 1 5 ? 4.094   -0.487  -0.236  1.00 35.21  ? 11  DC  B C6    1 
ATOM   99  P  P     . DG  A 1 6 ? 7.796   3.878   2.417   1.00 40.34  ? 12  DG  B P     1 
ATOM   100 O  OP1   . DG  A 1 6 ? 7.531   5.301   2.690   1.00 32.27  ? 12  DG  B OP1   1 
ATOM   101 O  OP2   . DG  A 1 6 ? 9.219   3.411   2.438   1.00 23.76  ? 12  DG  B OP2   1 
ATOM   102 O  "O5'" . DG  A 1 6 ? 6.831   3.029   3.354   1.00 43.53  ? 12  DG  B "O5'" 1 
ATOM   103 C  "C5'" . DG  A 1 6 ? 5.479   3.550   3.583   1.00 43.87  ? 12  DG  B "C5'" 1 
ATOM   104 C  "C4'" . DG  A 1 6 ? 4.878   2.912   4.811   1.00 40.76  ? 12  DG  B "C4'" 1 
ATOM   105 O  "O4'" . DG  A 1 6 ? 5.170   1.497   4.774   1.00 40.17  ? 12  DG  B "O4'" 1 
ATOM   106 C  "C3'" . DG  A 1 6 ? 5.424   3.426   6.139   1.00 41.73  ? 12  DG  B "C3'" 1 
ATOM   107 O  "O3'" . DG  A 1 6 ? 4.379   4.168   6.769   1.00 60.22  ? 12  DG  B "O3'" 1 
ATOM   108 C  "C2'" . DG  A 1 6 ? 5.735   2.170   6.933   1.00 40.86  ? 12  DG  B "C2'" 1 
ATOM   109 C  "C1'" . DG  A 1 6 ? 6.008   1.137   5.851   1.00 44.37  ? 12  DG  B "C1'" 1 
ATOM   110 N  N9    . DG  A 1 6 ? 7.365   1.036   5.321   1.00 56.97  ? 12  DG  B N9    1 
ATOM   111 C  C8    . DG  A 1 6 ? 8.466   1.798   5.636   1.00 57.63  ? 12  DG  B C8    1 
ATOM   112 N  N7    . DG  A 1 6 ? 9.520   1.486   4.935   1.00 62.22  ? 12  DG  B N7    1 
ATOM   113 C  C5    . DG  A 1 6 ? 9.086   0.474   4.092   1.00 66.12  ? 12  DG  B C5    1 
ATOM   114 C  C6    . DG  A 1 6 ? 9.786   -0.266  3.095   1.00 79.97  ? 12  DG  B C6    1 
ATOM   115 O  O6    . DG  A 1 6 ? 10.978  -0.179  2.762   1.00 94.51  ? 12  DG  B O6    1 
ATOM   116 N  N1    . DG  A 1 6 ? 8.953   -1.187  2.462   1.00 70.93  ? 12  DG  B N1    1 
ATOM   117 C  C2    . DG  A 1 6 ? 7.626   -1.385  2.761   1.00 60.29  ? 12  DG  B C2    1 
ATOM   118 N  N2    . DG  A 1 6 ? 7.000   -2.341  2.069   1.00 55.53  ? 12  DG  B N2    1 
ATOM   119 N  N3    . DG  A 1 6 ? 6.961   -0.695  3.673   1.00 60.99  ? 12  DG  B N3    1 
ATOM   120 C  C4    . DG  A 1 6 ? 7.748   0.207   4.298   1.00 61.03  ? 12  DG  B C4    1 
ATOM   121 O  "O5'" . DC  B 1 1 ? -13.058 -6.169  8.961   1.00 114.70 ? 7   DC  D "O5'" 1 
ATOM   122 C  "C5'" . DC  B 1 1 ? -11.792 -6.855  9.064   1.00 101.36 ? 7   DC  D "C5'" 1 
ATOM   123 C  "C4'" . DC  B 1 1 ? -11.372 -7.053  10.507  1.00 88.95  ? 7   DC  D "C4'" 1 
ATOM   124 O  "O4'" . DC  B 1 1 ? -12.356 -7.845  11.219  1.00 75.01  ? 7   DC  D "O4'" 1 
ATOM   125 C  "C3'" . DC  B 1 1 ? -10.057 -7.816  10.654  1.00 85.28  ? 7   DC  D "C3'" 1 
ATOM   126 O  "O3'" . DC  B 1 1 ? -9.351  -7.525  11.867  1.00 89.11  ? 7   DC  D "O3'" 1 
ATOM   127 C  "C2'" . DC  B 1 1 ? -10.521 -9.254  10.732  1.00 87.18  ? 7   DC  D "C2'" 1 
ATOM   128 C  "C1'" . DC  B 1 1 ? -11.854 -9.155  11.468  1.00 80.94  ? 7   DC  D "C1'" 1 
ATOM   129 N  N1    . DC  B 1 1 ? -12.860 -10.127 11.006  1.00 79.69  ? 7   DC  D N1    1 
ATOM   130 C  C2    . DC  B 1 1 ? -13.217 -11.189 11.848  1.00 79.02  ? 7   DC  D C2    1 
ATOM   131 O  O2    . DC  B 1 1 ? -12.697 -11.266 12.971  1.00 70.21  ? 7   DC  D O2    1 
ATOM   132 N  N3    . DC  B 1 1 ? -14.115 -12.103 11.414  1.00 81.38  ? 7   DC  D N3    1 
ATOM   133 C  C4    . DC  B 1 1 ? -14.657 -11.981 10.199  1.00 89.20  ? 7   DC  D C4    1 
ATOM   134 N  N4    . DC  B 1 1 ? -15.547 -12.898 9.817   1.00 97.95  ? 7   DC  D N4    1 
ATOM   135 C  C5    . DC  B 1 1 ? -14.306 -10.916 9.319   1.00 86.25  ? 7   DC  D C5    1 
ATOM   136 C  C6    . DC  B 1 1 ? -13.406 -10.025 9.756   1.00 83.62  ? 7   DC  D C6    1 
ATOM   137 P  P     . DG  B 1 2 ? -7.743  -7.366  11.877  1.00 78.98  ? 8   DG  D P     1 
ATOM   138 O  OP1   . DG  B 1 2 ? -7.227  -7.591  10.499  1.00 84.96  ? 8   DG  D OP1   1 
ATOM   139 O  OP2   . DG  B 1 2 ? -7.169  -8.147  13.024  1.00 83.84  ? 8   DG  D OP2   1 
ATOM   140 O  "O5'" . DG  B 1 2 ? -7.560  -5.812  12.161  1.00 74.62  ? 8   DG  D "O5'" 1 
ATOM   141 C  "C5'" . DG  B 1 2 ? -8.311  -5.084  13.152  1.00 60.24  ? 8   DG  D "C5'" 1 
ATOM   142 C  "C4'" . DG  B 1 2 ? -7.726  -3.699  13.279  1.00 45.99  ? 8   DG  D "C4'" 1 
ATOM   143 O  "O4'" . DG  B 1 2 ? -6.446  -3.857  13.914  1.00 52.19  ? 8   DG  D "O4'" 1 
ATOM   144 C  "C3'" . DG  B 1 2 ? -7.443  -3.011  11.943  1.00 51.25  ? 8   DG  D "C3'" 1 
ATOM   145 O  "O3'" . DG  B 1 2 ? -8.441  -2.013  11.683  1.00 52.13  ? 8   DG  D "O3'" 1 
ATOM   146 C  "C2'" . DG  B 1 2 ? -6.109  -2.322  12.152  1.00 43.45  ? 8   DG  D "C2'" 1 
ATOM   147 C  "C1'" . DG  B 1 2 ? -5.505  -2.962  13.367  1.00 35.98  ? 8   DG  D "C1'" 1 
ATOM   148 N  N9    . DG  B 1 2 ? -4.301  -3.705  13.076  1.00 32.15  ? 8   DG  D N9    1 
ATOM   149 C  C8    . DG  B 1 2 ? -4.172  -5.030  12.752  1.00 30.76  ? 8   DG  D C8    1 
ATOM   150 N  N7    . DG  B 1 2 ? -2.933  -5.390  12.559  1.00 31.01  ? 8   DG  D N7    1 
ATOM   151 C  C5    . DG  B 1 2 ? -2.202  -4.231  12.771  1.00 32.42  ? 8   DG  D C5    1 
ATOM   152 C  C6    . DG  B 1 2 ? -0.805  -4.001  12.709  1.00 40.44  ? 8   DG  D C6    1 
ATOM   153 O  O6    . DG  B 1 2 ? 0.103   -4.803  12.442  1.00 40.85  ? 8   DG  D O6    1 
ATOM   154 N  N1    . DG  B 1 2 ? -0.496  -2.676  12.979  1.00 28.28  ? 8   DG  D N1    1 
ATOM   155 C  C2    . DG  B 1 2 ? -1.407  -1.703  13.304  1.00 35.72  ? 8   DG  D C2    1 
ATOM   156 N  N2    . DG  B 1 2 ? -0.910  -0.477  13.558  1.00 29.64  ? 8   DG  D N2    1 
ATOM   157 N  N3    . DG  B 1 2 ? -2.704  -1.902  13.363  1.00 28.31  ? 8   DG  D N3    1 
ATOM   158 C  C4    . DG  B 1 2 ? -3.031  -3.180  13.076  1.00 38.34  ? 8   DG  D C4    1 
ATOM   159 P  P     . DT  B 1 3 ? -8.465  -1.222  10.289  1.00 64.07  ? 9   DT  D P     1 
ATOM   160 O  OP1   . DT  B 1 3 ? -9.761  -0.495  10.174  1.00 57.12  ? 9   DT  D OP1   1 
ATOM   161 O  OP2   . DT  B 1 3 ? -8.024  -2.146  9.213   1.00 54.41  ? 9   DT  D OP2   1 
ATOM   162 O  "O5'" . DT  B 1 3 ? -7.311  -0.140  10.469  1.00 63.48  ? 9   DT  D "O5'" 1 
ATOM   163 C  "C5'" . DT  B 1 3 ? -7.505  1.014   11.308  1.00 64.03  ? 9   DT  D "C5'" 1 
ATOM   164 C  "C4'" . DT  B 1 3 ? -6.277  1.884   11.195  1.00 57.13  ? 9   DT  D "C4'" 1 
ATOM   165 O  "O4'" . DT  B 1 3 ? -5.103  1.047   11.292  1.00 51.40  ? 9   DT  D "O4'" 1 
ATOM   166 C  "C3'" . DT  B 1 3 ? -6.165  2.605   9.859   1.00 58.54  ? 9   DT  D "C3'" 1 
ATOM   167 O  "O3'" . DT  B 1 3 ? -6.009  3.981   10.238  1.00 77.85  ? 9   DT  D "O3'" 1 
ATOM   168 C  "C2'" . DT  B 1 3 ? -5.069  1.840   9.121   1.00 49.94  ? 9   DT  D "C2'" 1 
ATOM   169 C  "C1'" . DT  B 1 3 ? -4.196  1.364   10.249  1.00 40.40  ? 9   DT  D "C1'" 1 
ATOM   170 N  N1    . DT  B 1 3 ? -3.400  0.145   9.976   1.00 38.97  ? 9   DT  D N1    1 
ATOM   171 C  C2    . DT  B 1 3 ? -2.035  0.199   10.143  1.00 39.78  ? 9   DT  D C2    1 
ATOM   172 O  O2    . DT  B 1 3 ? -1.434  1.219   10.450  1.00 34.50  ? 9   DT  D O2    1 
ATOM   173 N  N3    . DT  B 1 3 ? -1.388  -0.995  9.942   1.00 32.09  ? 9   DT  D N3    1 
ATOM   174 C  C4    . DT  B 1 3 ? -1.965  -2.217  9.626   1.00 40.87  ? 9   DT  D C4    1 
ATOM   175 O  O4    . DT  B 1 3 ? -1.250  -3.214  9.465   1.00 38.95  ? 9   DT  D O4    1 
ATOM   176 C  C5    . DT  B 1 3 ? -3.404  -2.199  9.486   1.00 37.28  ? 9   DT  D C5    1 
ATOM   177 C  C7    . DT  B 1 3 ? -4.118  -3.471  9.159   1.00 38.70  ? 9   DT  D C7    1 
ATOM   178 C  C6    . DT  B 1 3 ? -4.042  -1.043  9.696   1.00 36.68  ? 9   DT  D C6    1 
ATOM   179 P  P     . DA  B 1 4 ? -5.284  5.039   9.284   1.00 74.36  ? 10  DA  D P     1 
ATOM   180 O  OP1   . DA  B 1 4 ? -5.629  6.397   9.806   1.00 91.20  ? 10  DA  D OP1   1 
ATOM   181 O  OP2   . DA  B 1 4 ? -5.627  4.689   7.871   1.00 73.36  ? 10  DA  D OP2   1 
ATOM   182 O  "O5'" . DA  B 1 4 ? -3.747  4.707   9.552   1.00 69.61  ? 10  DA  D "O5'" 1 
ATOM   183 C  "C5'" . DA  B 1 4 ? -2.795  5.675   10.016  1.00 61.13  ? 10  DA  D "C5'" 1 
ATOM   184 C  "C4'" . DA  B 1 4 ? -1.536  5.552   9.190   1.00 60.98  ? 10  DA  D "C4'" 1 
ATOM   185 O  "O4'" . DA  B 1 4 ? -1.250  4.158   8.914   1.00 51.82  ? 10  DA  D "O4'" 1 
ATOM   186 C  "C3'" . DA  B 1 4 ? -1.603  6.237   7.820   1.00 71.48  ? 10  DA  D "C3'" 1 
ATOM   187 O  "O3'" . DA  B 1 4 ? -0.355  6.870   7.555   1.00 83.68  ? 10  DA  D "O3'" 1 
ATOM   188 C  "C2'" . DA  B 1 4 ? -1.782  5.092   6.828   1.00 55.82  ? 10  DA  D "C2'" 1 
ATOM   189 C  "C1'" . DA  B 1 4 ? -0.993  3.998   7.509   1.00 50.03  ? 10  DA  D "C1'" 1 
ATOM   190 N  N9    . DA  B 1 4 ? -1.348  2.632   7.142   1.00 38.62  ? 10  DA  D N9    1 
ATOM   191 C  C8    . DA  B 1 4 ? -2.577  2.041   6.968   1.00 32.01  ? 10  DA  D C8    1 
ATOM   192 N  N7    . DA  B 1 4 ? -2.507  0.757   6.680   1.00 38.37  ? 10  DA  D N7    1 
ATOM   193 C  C5    . DA  B 1 4 ? -1.145  0.481   6.705   1.00 27.23  ? 10  DA  D C5    1 
ATOM   194 C  C6    . DA  B 1 4 ? -0.402  -0.700  6.465   1.00 31.08  ? 10  DA  D C6    1 
ATOM   195 N  N6    . DA  B 1 4 ? -0.948  -1.888  6.165   1.00 36.91  ? 10  DA  D N6    1 
ATOM   196 N  N1    . DA  B 1 4 ? 0.941   -0.622  6.553   1.00 23.41  ? 10  DA  D N1    1 
ATOM   197 C  C2    . DA  B 1 4 ? 1.498   0.559   6.853   1.00 25.21  ? 10  DA  D C2    1 
ATOM   198 N  N3    . DA  B 1 4 ? 0.919   1.745   7.038   1.00 27.20  ? 10  DA  D N3    1 
ATOM   199 C  C4    . DA  B 1 4 ? -0.420  1.632   6.973   1.00 33.18  ? 10  DA  D C4    1 
ATOM   200 P  P     . DC  B 1 5 ? -0.318  8.194   6.680   1.00 89.93  ? 11  DC  D P     1 
ATOM   201 O  OP1   . DC  B 1 5 ? -0.023  9.312   7.607   1.00 94.58  ? 11  DC  D OP1   1 
ATOM   202 O  OP2   . DC  B 1 5 ? -1.540  8.251   5.803   1.00 77.01  ? 11  DC  D OP2   1 
ATOM   203 O  "O5'" . DC  B 1 5 ? 0.932   7.940   5.728   1.00 83.72  ? 11  DC  D "O5'" 1 
ATOM   204 C  "C5'" . DC  B 1 5 ? 2.002   7.060   6.107   1.00 62.61  ? 11  DC  D "C5'" 1 
ATOM   205 C  "C4'" . DC  B 1 5 ? 2.408   6.197   4.935   1.00 62.06  ? 11  DC  D "C4'" 1 
ATOM   206 O  "O4'" . DC  B 1 5 ? 1.670   4.957   4.964   1.00 58.49  ? 11  DC  D "O4'" 1 
ATOM   207 C  "C3'" . DC  B 1 5 ? 2.206   6.772   3.520   1.00 53.14  ? 11  DC  D "C3'" 1 
ATOM   208 O  "O3'" . DC  B 1 5 ? 3.453   6.539   2.845   1.00 61.17  ? 11  DC  D "O3'" 1 
ATOM   209 C  "C2'" . DC  B 1 5 ? 1.119   5.886   2.919   1.00 48.52  ? 11  DC  D "C2'" 1 
ATOM   210 C  "C1'" . DC  B 1 5 ? 1.487   4.584   3.617   1.00 45.96  ? 11  DC  D "C1'" 1 
ATOM   211 N  N1    . DC  B 1 5 ? 0.590   3.423   3.576   1.00 33.55  ? 11  DC  D N1    1 
ATOM   212 C  C2    . DC  B 1 5 ? 1.166   2.151   3.439   1.00 37.91  ? 11  DC  D C2    1 
ATOM   213 O  O2    . DC  B 1 5 ? 2.403   2.060   3.377   1.00 34.00  ? 11  DC  D O2    1 
ATOM   214 N  N3    . DC  B 1 5 ? 0.361   1.052   3.413   1.00 27.11  ? 11  DC  D N3    1 
ATOM   215 C  C4    . DC  B 1 5 ? -0.965  1.197   3.536   1.00 29.79  ? 11  DC  D C4    1 
ATOM   216 N  N4    . DC  B 1 5 ? -1.732  0.096   3.476   1.00 22.47  ? 11  DC  D N4    1 
ATOM   217 C  C5    . DC  B 1 5 ? -1.572  2.481   3.689   1.00 30.33  ? 11  DC  D C5    1 
ATOM   218 C  C6    . DC  B 1 5 ? -0.766  3.557   3.686   1.00 37.68  ? 11  DC  D C6    1 
ATOM   219 P  P     . DG  B 1 6 ? 4.055   7.624   1.798   1.00 55.74  ? 12  DG  D P     1 
ATOM   220 O  OP1   . DG  B 1 6 ? 5.492   7.872   2.121   1.00 49.44  ? 12  DG  D OP1   1 
ATOM   221 O  OP2   . DG  B 1 6 ? 3.083   8.738   1.677   1.00 49.14  ? 12  DG  D OP2   1 
ATOM   222 O  "O5'" . DG  B 1 6 ? 4.131   6.826   0.431   1.00 58.02  ? 12  DG  D "O5'" 1 
ATOM   223 C  "C5'" . DG  B 1 6 ? 3.875   5.417   0.341   1.00 55.49  ? 12  DG  D "C5'" 1 
ATOM   224 C  "C4'" . DG  B 1 6 ? 3.154   5.125   -0.951  1.00 47.59  ? 12  DG  D "C4'" 1 
ATOM   225 O  "O4'" . DG  B 1 6 ? 1.737   5.283   -0.725  1.00 58.21  ? 12  DG  D "O4'" 1 
ATOM   226 C  "C3'" . DG  B 1 6 ? 3.503   6.055   -2.108  1.00 53.14  ? 12  DG  D "C3'" 1 
ATOM   227 O  "O3'" . DG  B 1 6 ? 4.515   5.419   -2.897  1.00 58.34  ? 12  DG  D "O3'" 1 
ATOM   228 C  "C2'" . DG  B 1 6 ? 2.174   6.261   -2.814  1.00 51.16  ? 12  DG  D "C2'" 1 
ATOM   229 C  "C1'" . DG  B 1 6 ? 1.159   6.160   -1.678  1.00 49.91  ? 12  DG  D "C1'" 1 
ATOM   230 N  N9    . DG  B 1 6 ? 0.841   7.391   -0.969  1.00 56.79  ? 12  DG  D N9    1 
ATOM   231 C  C8    . DG  B 1 6 ? 1.498   8.594   -1.067  1.00 57.72  ? 12  DG  D C8    1 
ATOM   232 N  N7    . DG  B 1 6 ? 1.014   9.510   -0.273  1.00 57.30  ? 12  DG  D N7    1 
ATOM   233 C  C5    . DG  B 1 6 ? 0.004   8.864   0.425   1.00 62.28  ? 12  DG  D C5    1 
ATOM   234 C  C6    . DG  B 1 6 ? -0.877  9.351   1.432   1.00 72.43  ? 12  DG  D C6    1 
ATOM   235 O  O6    . DG  B 1 6 ? -0.936  10.490  1.928   1.00 73.68  ? 12  DG  D O6    1 
ATOM   236 N  N1    . DG  B 1 6 ? -1.766  8.364   1.852   1.00 80.02  ? 12  DG  D N1    1 
ATOM   237 C  C2    . DG  B 1 6 ? -1.802  7.075   1.369   1.00 69.21  ? 12  DG  D C2    1 
ATOM   238 N  N2    . DG  B 1 6 ? -2.714  6.261   1.925   1.00 54.97  ? 12  DG  D N2    1 
ATOM   239 N  N3    . DG  B 1 6 ? -0.983  6.610   0.436   1.00 56.85  ? 12  DG  D N3    1 
ATOM   240 C  C4    . DG  B 1 6 ? -0.112  7.551   0.012   1.00 59.26  ? 12  DG  D C4    1 
ATOM   241 O  "O5'" . DG  C 2 1 ? 2.076   -7.694  0.143   1.00 101.56 ? 2   DG  C "O5'" 1 
ATOM   242 C  "C5'" . DG  C 2 1 ? 2.936   -6.754  -0.532  1.00 86.97  ? 2   DG  C "C5'" 1 
ATOM   243 C  "C4'" . DG  C 2 1 ? 4.224   -6.534  0.233   1.00 74.72  ? 2   DG  C "C4'" 1 
ATOM   244 O  "O4'" . DG  C 2 1 ? 4.227   -5.248  0.877   1.00 71.41  ? 2   DG  C "O4'" 1 
ATOM   245 C  "C3'" . DG  C 2 1 ? 4.590   -7.520  1.338   1.00 64.43  ? 2   DG  C "C3'" 1 
ATOM   246 O  "O3'" . DG  C 2 1 ? 6.013   -7.605  1.249   1.00 71.27  ? 2   DG  C "O3'" 1 
ATOM   247 C  "C2'" . DG  C 2 1 ? 4.056   -6.858  2.595   1.00 52.08  ? 2   DG  C "C2'" 1 
ATOM   248 C  "C1'" . DG  C 2 1 ? 3.926   -5.383  2.257   1.00 53.30  ? 2   DG  C "C1'" 1 
ATOM   249 N  N9    . DG  C 2 1 ? 2.602   -4.819  2.452   1.00 49.04  ? 2   DG  C N9    1 
ATOM   250 C  C8    . DG  C 2 1 ? 1.397   -5.463  2.300   1.00 49.53  ? 2   DG  C C8    1 
ATOM   251 N  N7    . DG  C 2 1 ? 0.370   -4.674  2.464   1.00 47.12  ? 2   DG  C N7    1 
ATOM   252 C  C5    . DG  C 2 1 ? 0.930   -3.428  2.707   1.00 35.22  ? 2   DG  C C5    1 
ATOM   253 C  C6    . DG  C 2 1 ? 0.310   -2.177  2.928   1.00 36.97  ? 2   DG  C C6    1 
ATOM   254 O  O6    . DG  C 2 1 ? -0.899  -1.918  3.008   1.00 33.72  ? 2   DG  C O6    1 
ATOM   255 N  N1    . DG  C 2 1 ? 1.251   -1.165  3.109   1.00 32.14  ? 2   DG  C N1    1 
ATOM   256 C  C2    . DG  C 2 1 ? 2.614   -1.336  3.070   1.00 39.99  ? 2   DG  C C2    1 
ATOM   257 N  N2    . DG  C 2 1 ? 3.356   -0.229  3.272   1.00 32.13  ? 2   DG  C N2    1 
ATOM   258 N  N3    . DG  C 2 1 ? 3.206   -2.506  2.864   1.00 43.82  ? 2   DG  C N3    1 
ATOM   259 C  C4    . DG  C 2 1 ? 2.308   -3.497  2.679   1.00 42.47  ? 2   DG  C C4    1 
ATOM   260 P  P     . DT  C 2 2 ? 7.000   -7.614  2.559   1.00 98.28  ? 3   DT  C P     1 
ATOM   261 O  OP1   . DT  C 2 2 ? 8.343   -8.081  2.111   1.00 70.20  ? 3   DT  C OP1   1 
ATOM   262 O  OP2   . DT  C 2 2 ? 6.317   -8.294  3.718   1.00 81.27  ? 3   DT  C OP2   1 
ATOM   263 O  "O5'" . DT  C 2 2 ? 7.252   -6.069  2.859   1.00 98.37  ? 3   DT  C "O5'" 1 
ATOM   264 C  "C5'" . DT  C 2 2 ? 8.378   -5.665  3.675   1.00 75.63  ? 3   DT  C "C5'" 1 
ATOM   265 C  "C4'" . DT  C 2 2 ? 7.959   -4.564  4.616   1.00 64.44  ? 3   DT  C "C4'" 1 
ATOM   266 O  "O4'" . DT  C 2 2 ? 6.539   -4.350  4.525   1.00 54.84  ? 3   DT  C "O4'" 1 
ATOM   267 C  "C3'" . DT  C 2 2 ? 8.230   -4.840  6.094   1.00 67.98  ? 3   DT  C "C3'" 1 
ATOM   268 O  "O3'" . DT  C 2 2 ? 9.402   -4.076  6.413   1.00 75.07  ? 3   DT  C "O3'" 1 
ATOM   269 C  "C2'" . DT  C 2 2 ? 6.938   -4.430  6.791   1.00 58.47  ? 3   DT  C "C2'" 1 
ATOM   270 C  "C1'" . DT  C 2 2 ? 6.157   -3.715  5.708   1.00 49.15  ? 3   DT  C "C1'" 1 
ATOM   271 N  N1    . DT  C 2 2 ? 4.692   -3.809  5.809   1.00 48.15  ? 3   DT  C N1    1 
ATOM   272 C  C2    . DT  C 2 2 ? 4.012   -2.673  6.178   1.00 51.88  ? 3   DT  C C2    1 
ATOM   273 O  O2    . DT  C 2 2 ? 4.569   -1.616  6.416   1.00 60.08  ? 3   DT  C O2    1 
ATOM   274 N  N3    . DT  C 2 2 ? 2.646   -2.817  6.245   1.00 47.36  ? 3   DT  C N3    1 
ATOM   275 C  C4    . DT  C 2 2 ? 1.914   -3.970  6.003   1.00 51.94  ? 3   DT  C C4    1 
ATOM   276 O  O4    . DT  C 2 2 ? 0.683   -3.955  6.104   1.00 40.57  ? 3   DT  C O4    1 
ATOM   277 C  C5    . DT  C 2 2 ? 2.699   -5.125  5.612   1.00 55.85  ? 3   DT  C C5    1 
ATOM   278 C  C7    . DT  C 2 2 ? 1.999   -6.420  5.349   1.00 60.42  ? 3   DT  C C7    1 
ATOM   279 C  C6    . DT  C 2 2 ? 4.030   -4.987  5.538   1.00 51.04  ? 3   DT  C C6    1 
ATOM   280 P  P     . DA  C 2 3 ? 9.818   -3.720  7.936   1.00 81.65  ? 4   DA  C P     1 
ATOM   281 O  OP1   . DA  C 2 3 ? 11.224  -4.151  8.124   1.00 88.45  ? 4   DA  C OP1   1 
ATOM   282 O  OP2   . DA  C 2 3 ? 8.764   -4.193  8.891   1.00 69.93  ? 4   DA  C OP2   1 
ATOM   283 O  "O5'" . DA  C 2 3 ? 9.810   -2.129  7.907   1.00 68.17  ? 4   DA  C "O5'" 1 
ATOM   284 C  "C5'" . DA  C 2 3 ? 8.625   -1.422  7.540   1.00 53.15  ? 4   DA  C "C5'" 1 
ATOM   285 C  "C4'" . DA  C 2 3 ? 8.245   -0.461  8.637   1.00 64.83  ? 4   DA  C "C4'" 1 
ATOM   286 O  "O4'" . DA  C 2 3 ? 6.807   -0.446  8.737   1.00 61.17  ? 4   DA  C "O4'" 1 
ATOM   287 C  "C3'" . DA  C 2 3 ? 8.764   -0.796  10.036  1.00 73.97  ? 4   DA  C "C3'" 1 
ATOM   288 O  "O3'" . DA  C 2 3 ? 9.147   0.404   10.737  1.00 99.00  ? 4   DA  C "O3'" 1 
ATOM   289 C  "C2'" . DA  C 2 3 ? 7.600   -1.537  10.667  1.00 66.83  ? 4   DA  C "C2'" 1 
ATOM   290 C  "C1'" . DA  C 2 3 ? 6.387   -0.910  10.001  1.00 54.22  ? 4   DA  C "C1'" 1 
ATOM   291 N  N9    . DA  C 2 3 ? 5.296   -1.853  9.782   1.00 42.22  ? 4   DA  C N9    1 
ATOM   292 C  C8    . DA  C 2 3 ? 5.364   -3.195  9.498   1.00 42.10  ? 4   DA  C C8    1 
ATOM   293 N  N7    . DA  C 2 3 ? 4.189   -3.770  9.379   1.00 39.82  ? 4   DA  C N7    1 
ATOM   294 C  C5    . DA  C 2 3 ? 3.288   -2.731  9.568   1.00 36.69  ? 4   DA  C C5    1 
ATOM   295 C  C6    . DA  C 2 3 ? 1.885   -2.681  9.569   1.00 31.62  ? 4   DA  C C6    1 
ATOM   296 N  N6    . DA  C 2 3 ? 1.101   -3.741  9.352   1.00 34.62  ? 4   DA  C N6    1 
ATOM   297 N  N1    . DA  C 2 3 ? 1.302   -1.502  9.848   1.00 30.53  ? 4   DA  C N1    1 
ATOM   298 C  C2    . DA  C 2 3 ? 2.081   -0.429  10.039  1.00 33.86  ? 4   DA  C C2    1 
ATOM   299 N  N3    . DA  C 2 3 ? 3.401   -0.347  10.071  1.00 34.89  ? 4   DA  C N3    1 
ATOM   300 C  C4    . DA  C 2 3 ? 3.956   -1.547  9.827   1.00 42.23  ? 4   DA  C C4    1 
ATOM   301 P  P     . DC  C 2 4 ? 9.661   0.370   12.288  1.00 103.35 ? 5   DC  C P     1 
ATOM   302 O  OP1   . DC  C 2 4 ? 10.488  1.585   12.520  1.00 118.17 ? 5   DC  C OP1   1 
ATOM   303 O  OP2   . DC  C 2 4 ? 10.234  -0.969  12.598  1.00 95.37  ? 5   DC  C OP2   1 
ATOM   304 O  "O5'" . DC  C 2 4 ? 8.315   0.589   13.108  1.00 98.03  ? 5   DC  C "O5'" 1 
ATOM   305 C  "C5'" . DC  C 2 4 ? 7.384   1.578   12.649  1.00 89.74  ? 5   DC  C "C5'" 1 
ATOM   306 C  "C4'" . DC  C 2 4 ? 6.095   1.461   13.419  1.00 90.34  ? 5   DC  C "C4'" 1 
ATOM   307 O  "O4'" . DC  C 2 4 ? 5.258   0.440   12.834  1.00 83.67  ? 5   DC  C "O4'" 1 
ATOM   308 C  "C3'" . DC  C 2 4 ? 6.270   1.079   14.890  1.00 93.30  ? 5   DC  C "C3'" 1 
ATOM   309 O  "O3'" . DC  C 2 4 ? 5.760   2.129   15.708  1.00 107.80 ? 5   DC  C "O3'" 1 
ATOM   310 C  "C2'" . DC  C 2 4 ? 5.398   -0.152  15.059  1.00 89.44  ? 5   DC  C "C2'" 1 
ATOM   311 C  "C1'" . DC  C 2 4 ? 4.458   -0.050  13.875  1.00 71.28  ? 5   DC  C "C1'" 1 
ATOM   312 N  N1    . DC  C 2 4 ? 3.919   -1.344  13.463  1.00 60.83  ? 5   DC  C N1    1 
ATOM   313 C  C2    . DC  C 2 4 ? 2.540   -1.480  13.295  1.00 49.35  ? 5   DC  C C2    1 
ATOM   314 O  O2    . DC  C 2 4 ? 1.816   -0.478  13.444  1.00 53.21  ? 5   DC  C O2    1 
ATOM   315 N  N3    . DC  C 2 4 ? 2.032   -2.691  12.981  1.00 48.34  ? 5   DC  C N3    1 
ATOM   316 C  C4    . DC  C 2 4 ? 2.851   -3.730  12.792  1.00 59.40  ? 5   DC  C C4    1 
ATOM   317 N  N4    . DC  C 2 4 ? 2.313   -4.902  12.463  1.00 67.69  ? 5   DC  C N4    1 
ATOM   318 C  C5    . DC  C 2 4 ? 4.261   -3.616  12.949  1.00 57.53  ? 5   DC  C C5    1 
ATOM   319 C  C6    . DC  C 2 4 ? 4.746   -2.419  13.293  1.00 54.41  ? 5   DC  C C6    1 
ATOM   320 P  P     . DG  C 2 5 ? 6.492   2.499   17.082  1.00 130.13 ? 6   DG  C P     1 
ATOM   321 O  OP1   . DG  C 2 5 ? 7.147   3.826   16.897  1.00 140.43 ? 6   DG  C OP1   1 
ATOM   322 O  OP2   . DG  C 2 5 ? 7.303   1.315   17.503  1.00 118.61 ? 6   DG  C OP2   1 
ATOM   323 O  "O5'" . DG  C 2 5 ? 5.291   2.681   18.114  1.00 122.69 ? 6   DG  C "O5'" 1 
ATOM   324 C  "C5'" . DG  C 2 5 ? 5.522   2.535   19.534  1.00 118.99 ? 6   DG  C "C5'" 1 
ATOM   325 C  "C4'" . DG  C 2 5 ? 4.362   1.840   20.206  1.00 107.01 ? 6   DG  C "C4'" 1 
ATOM   326 O  "O4'" . DG  C 2 5 ? 4.116   0.585   19.545  1.00 98.32  ? 6   DG  C "O4'" 1 
ATOM   327 C  "C3'" . DG  C 2 5 ? 4.598   1.521   21.682  1.00 104.56 ? 6   DG  C "C3'" 1 
ATOM   328 O  "O3'" . DG  C 2 5 ? 3.901   2.472   22.505  1.00 94.65  ? 6   DG  C "O3'" 1 
ATOM   329 C  "C2'" . DG  C 2 5 ? 3.966   0.159   21.882  1.00 103.11 ? 6   DG  C "C2'" 1 
ATOM   330 C  "C1'" . DG  C 2 5 ? 3.889   -0.446  20.492  1.00 95.21  ? 6   DG  C "C1'" 1 
ATOM   331 N  N9    . DG  C 2 5 ? 4.845   -1.512  20.230  1.00 86.84  ? 6   DG  C N9    1 
ATOM   332 C  C8    . DG  C 2 5 ? 6.211   -1.470  20.357  1.00 87.11  ? 6   DG  C C8    1 
ATOM   333 N  N7    . DG  C 2 5 ? 6.790   -2.593  20.024  1.00 83.91  ? 6   DG  C N7    1 
ATOM   334 C  C5    . DG  C 2 5 ? 5.740   -3.422  19.647  1.00 84.69  ? 6   DG  C C5    1 
ATOM   335 C  C6    . DG  C 2 5 ? 5.744   -4.765  19.182  1.00 82.37  ? 6   DG  C C6    1 
ATOM   336 O  O6    . DG  C 2 5 ? 6.708   -5.520  19.016  1.00 71.60  ? 6   DG  C O6    1 
ATOM   337 N  N1    . DG  C 2 5 ? 4.454   -5.217  18.912  1.00 76.07  ? 6   DG  C N1    1 
ATOM   338 C  C2    . DG  C 2 5 ? 3.306   -4.480  19.080  1.00 79.11  ? 6   DG  C C2    1 
ATOM   339 N  N2    . DG  C 2 5 ? 2.152   -5.095  18.788  1.00 63.07  ? 6   DG  C N2    1 
ATOM   340 N  N3    . DG  C 2 5 ? 3.291   -3.229  19.501  1.00 79.44  ? 6   DG  C N3    1 
ATOM   341 C  C4    . DG  C 2 5 ? 4.534   -2.767  19.769  1.00 88.29  ? 6   DG  C C4    1 
ATOM   342 O  "O5'" . DG  D 2 1 ? -8.546  1.658   2.520   1.00 66.24  ? 2   DG  A "O5'" 1 
ATOM   343 C  "C5'" . DG  D 2 1 ? -8.410  3.071   2.829   1.00 66.38  ? 2   DG  A "C5'" 1 
ATOM   344 C  "C4'" . DG  D 2 1 ? -7.125  3.683   2.297   1.00 67.69  ? 2   DG  A "C4'" 1 
ATOM   345 O  "O4'" . DG  D 2 1 ? -6.021  2.739   2.179   1.00 60.41  ? 2   DG  A "O4'" 1 
ATOM   346 C  "C3'" . DG  D 2 1 ? -7.232  4.375   0.933   1.00 63.49  ? 2   DG  A "C3'" 1 
ATOM   347 O  "O3'" . DG  D 2 1 ? -6.717  5.706   1.046   1.00 81.32  ? 2   DG  A "O3'" 1 
ATOM   348 C  "C2'" . DG  D 2 1 ? -6.345  3.531   0.026   1.00 49.49  ? 2   DG  A "C2'" 1 
ATOM   349 C  "C1'" . DG  D 2 1 ? -5.282  3.048   0.994   1.00 49.88  ? 2   DG  A "C1'" 1 
ATOM   350 N  N9    . DG  D 2 1 ? -4.534  1.847   0.636   1.00 38.80  ? 2   DG  A N9    1 
ATOM   351 C  C8    . DG  D 2 1 ? -5.058  0.579   0.576   1.00 38.40  ? 2   DG  A C8    1 
ATOM   352 N  N7    . DG  D 2 1 ? -4.167  -0.333  0.279   1.00 41.88  ? 2   DG  A N7    1 
ATOM   353 C  C5    . DG  D 2 1 ? -2.968  0.368   0.204   1.00 27.57  ? 2   DG  A C5    1 
ATOM   354 C  C6    . DG  D 2 1 ? -1.662  -0.091  -0.077  1.00 35.30  ? 2   DG  A C6    1 
ATOM   355 O  O6    . DG  D 2 1 ? -1.277  -1.256  -0.272  1.00 36.48  ? 2   DG  A O6    1 
ATOM   356 N  N1    . DG  D 2 1 ? -0.734  0.947   -0.037  1.00 30.11  ? 2   DG  A N1    1 
ATOM   357 C  C2    . DG  D 2 1 ? -1.047  2.274   0.120   1.00 29.07  ? 2   DG  A C2    1 
ATOM   358 N  N2    . DG  D 2 1 ? -0.014  3.141   0.032   1.00 31.01  ? 2   DG  A N2    1 
ATOM   359 N  N3    . DG  D 2 1 ? -2.275  2.722   0.345   1.00 34.03  ? 2   DG  A N3    1 
ATOM   360 C  C4    . DG  D 2 1 ? -3.176  1.718   0.396   1.00 32.61  ? 2   DG  A C4    1 
ATOM   361 P  P     . DT  D 2 2 ? -7.544  6.954   0.448   1.00 101.74 ? 3   DT  A P     1 
ATOM   362 O  OP1   . DT  D 2 2 ? -7.788  7.926   1.544   1.00 94.00  ? 3   DT  A OP1   1 
ATOM   363 O  OP2   . DT  D 2 2 ? -8.701  6.414   -0.323  1.00 99.12  ? 3   DT  A OP2   1 
ATOM   364 O  "O5'" . DT  D 2 2 ? -6.516  7.629   -0.563  1.00 94.50  ? 3   DT  A "O5'" 1 
ATOM   365 C  "C5'" . DT  D 2 2 ? -5.174  7.941   -0.145  1.00 93.06  ? 3   DT  A "C5'" 1 
ATOM   366 C  "C4'" . DT  D 2 2 ? -4.163  7.575   -1.207  1.00 89.68  ? 3   DT  A "C4'" 1 
ATOM   367 O  "O4'" . DT  D 2 2 ? -3.883  6.153   -1.224  1.00 82.01  ? 3   DT  A "O4'" 1 
ATOM   368 C  "C3'" . DT  D 2 2 ? -4.529  7.949   -2.649  1.00 92.32  ? 3   DT  A "C3'" 1 
ATOM   369 O  "O3'" . DT  D 2 2 ? -3.414  8.622   -3.231  1.00 102.51 ? 3   DT  A "O3'" 1 
ATOM   370 C  "C2'" . DT  D 2 2 ? -4.619  6.610   -3.355  1.00 75.42  ? 3   DT  A "C2'" 1 
ATOM   371 C  "C1'" . DT  D 2 2 ? -3.581  5.842   -2.570  1.00 69.11  ? 3   DT  A "C1'" 1 
ATOM   372 N  N1    . DT  D 2 2 ? -3.608  4.387   -2.722  1.00 52.84  ? 3   DT  A N1    1 
ATOM   373 C  C2    . DT  D 2 2 ? -2.408  3.736   -2.891  1.00 49.05  ? 3   DT  A C2    1 
ATOM   374 O  O2    . DT  D 2 2 ? -1.327  4.308   -2.910  1.00 50.89  ? 3   DT  A O2    1 
ATOM   375 N  N3    . DT  D 2 2 ? -2.514  2.376   -3.013  1.00 43.40  ? 3   DT  A N3    1 
ATOM   376 C  C4    . DT  D 2 2 ? -3.672  1.626   -3.023  1.00 43.80  ? 3   DT  A C4    1 
ATOM   377 O  O4    . DT  D 2 2 ? -3.604  0.406   -3.145  1.00 51.28  ? 3   DT  A O4    1 
ATOM   378 C  C5    . DT  D 2 2 ? -4.894  2.374   -2.852  1.00 50.56  ? 3   DT  A C5    1 
ATOM   379 C  C7    . DT  D 2 2 ? -6.199  1.646   -2.842  1.00 64.40  ? 3   DT  A C7    1 
ATOM   380 C  C6    . DT  D 2 2 ? -4.802  3.702   -2.709  1.00 51.65  ? 3   DT  A C6    1 
ATOM   381 P  P     . DA  D 2 3 ? -3.643  9.957   -4.052  1.00 111.17 ? 4   DA  A P     1 
ATOM   382 O  OP1   . DA  D 2 3 ? -4.058  11.021  -3.093  1.00 117.28 ? 4   DA  A OP1   1 
ATOM   383 O  OP2   . DA  D 2 3 ? -4.497  9.636   -5.230  1.00 100.77 ? 4   DA  A OP2   1 
ATOM   384 O  "O5'" . DA  D 2 3 ? -2.184  10.330  -4.566  1.00 110.55 ? 4   DA  A "O5'" 1 
ATOM   385 C  "C5'" . DA  D 2 3 ? -1.009  9.677   -4.049  1.00 103.30 ? 4   DA  A "C5'" 1 
ATOM   386 C  "C4'" . DA  D 2 3 ? -0.373  8.795   -5.100  1.00 92.26  ? 4   DA  A "C4'" 1 
ATOM   387 O  "O4'" . DA  D 2 3 ? -0.855  7.448   -4.933  1.00 84.95  ? 4   DA  A "O4'" 1 
ATOM   388 C  "C3'" . DA  D 2 3 ? -0.667  9.171   -6.559  1.00 97.07  ? 4   DA  A "C3'" 1 
ATOM   389 O  "O3'" . DA  D 2 3 ? 0.505   9.703   -7.206  1.00 109.68 ? 4   DA  A "O3'" 1 
ATOM   390 C  "C2'" . DA  D 2 3 ? -1.149  7.875   -7.203  1.00 85.54  ? 4   DA  A "C2'" 1 
ATOM   391 C  "C1'" . DA  D 2 3 ? -0.777  6.805   -6.193  1.00 67.04  ? 4   DA  A "C1'" 1 
ATOM   392 N  N9    . DA  D 2 3 ? -1.677  5.647   -6.181  1.00 45.79  ? 4   DA  A N9    1 
ATOM   393 C  C8    . DA  D 2 3 ? -3.045  5.618   -6.048  1.00 43.63  ? 4   DA  A C8    1 
ATOM   394 N  N7    . DA  D 2 3 ? -3.554  4.407   -6.090  1.00 35.29  ? 4   DA  A N7    1 
ATOM   395 C  C5    . DA  D 2 3 ? -2.443  3.587   -6.256  1.00 33.16  ? 4   DA  A C5    1 
ATOM   396 C  C6    . DA  D 2 3 ? -2.300  2.192   -6.339  1.00 35.58  ? 4   DA  A C6    1 
ATOM   397 N  N6    . DA  D 2 3 ? -3.328  1.341   -6.304  1.00 32.02  ? 4   DA  A N6    1 
ATOM   398 N  N1    . DA  D 2 3 ? -1.053  1.693   -6.471  1.00 35.03  ? 4   DA  A N1    1 
ATOM   399 C  C2    . DA  D 2 3 ? -0.026  2.542   -6.515  1.00 39.78  ? 4   DA  A C2    1 
ATOM   400 N  N3    . DA  D 2 3 ? -0.031  3.870   -6.450  1.00 38.85  ? 4   DA  A N3    1 
ATOM   401 C  C4    . DA  D 2 3 ? -1.284  4.334   -6.305  1.00 32.32  ? 4   DA  A C4    1 
ATOM   402 P  P     . DC  D 2 4 ? 0.424   10.361  -8.696  1.00 113.26 ? 5   DC  A P     1 
ATOM   403 O  OP1   . DC  D 2 4 ? 1.592   11.270  -8.838  1.00 105.31 ? 5   DC  A OP1   1 
ATOM   404 O  OP2   . DC  D 2 4 ? -0.955  10.925  -8.898  1.00 93.78  ? 5   DC  A OP2   1 
ATOM   405 O  "O5'" . DC  D 2 4 ? 0.710   9.104   -9.651  1.00 113.40 ? 5   DC  A "O5'" 1 
ATOM   406 C  "C5'" . DC  D 2 4 ? 2.061   8.592   -9.777  1.00 88.45  ? 5   DC  A "C5'" 1 
ATOM   407 C  "C4'" . DC  D 2 4 ? 2.127   7.150   -10.237 1.00 80.29  ? 5   DC  A "C4'" 1 
ATOM   408 O  "O4'" . DC  D 2 4 ? 1.319   6.247   -9.446  1.00 65.61  ? 5   DC  A "O4'" 1 
ATOM   409 C  "C3'" . DC  D 2 4 ? 1.738   6.847   -11.676 1.00 73.60  ? 5   DC  A "C3'" 1 
ATOM   410 O  "O3'" . DC  D 2 4 ? 2.844   7.182   -12.533 1.00 84.02  ? 5   DC  A "O3'" 1 
ATOM   411 C  "C2'" . DC  D 2 4 ? 1.557   5.338   -11.630 1.00 67.90  ? 5   DC  A "C2'" 1 
ATOM   412 C  "C1'" . DC  D 2 4 ? 1.111   5.040   -10.191 1.00 53.57  ? 5   DC  A "C1'" 1 
ATOM   413 N  N1    . DC  D 2 4 ? -0.314  4.657   -10.028 1.00 35.56  ? 5   DC  A N1    1 
ATOM   414 C  C2    . DC  D 2 4 ? -0.692  3.304   -9.978  1.00 32.30  ? 5   DC  A C2    1 
ATOM   415 O  O2    . DC  D 2 4 ? 0.177   2.415   -10.098 1.00 30.10  ? 5   DC  A O2    1 
ATOM   416 N  N3    . DC  D 2 4 ? -1.987  2.998   -9.780  1.00 29.47  ? 5   DC  A N3    1 
ATOM   417 C  C4    . DC  D 2 4 ? -2.890  3.967   -9.637  1.00 35.21  ? 5   DC  A C4    1 
ATOM   418 N  N4    . DC  D 2 4 ? -4.166  3.611   -9.439  1.00 47.45  ? 5   DC  A N4    1 
ATOM   419 C  C5    . DC  D 2 4 ? -2.529  5.341   -9.657  1.00 33.17  ? 5   DC  A C5    1 
ATOM   420 C  C6    . DC  D 2 4 ? -1.247  5.638   -9.876  1.00 35.30  ? 5   DC  A C6    1 
ATOM   421 P  P     . DG  D 2 5 ? 2.648   7.380   -14.136 1.00 83.26  ? 6   DG  A P     1 
ATOM   422 O  OP1   . DG  D 2 5 ? 3.992   7.713   -14.714 1.00 90.21  ? 6   DG  A OP1   1 
ATOM   423 O  OP2   . DG  D 2 5 ? 1.483   8.299   -14.359 1.00 62.69  ? 6   DG  A OP2   1 
ATOM   424 O  "O5'" . DG  D 2 5 ? 2.189   5.938   -14.645 1.00 85.28  ? 6   DG  A "O5'" 1 
ATOM   425 C  "C5'" . DG  D 2 5 ? 2.892   5.266   -15.717 1.00 85.46  ? 6   DG  A "C5'" 1 
ATOM   426 C  "C4'" . DG  D 2 5 ? 1.960   4.524   -16.652 1.00 69.04  ? 6   DG  A "C4'" 1 
ATOM   427 O  "O4'" . DG  D 2 5 ? 0.624   4.423   -16.111 1.00 72.04  ? 6   DG  A "O4'" 1 
ATOM   428 C  "C3'" . DG  D 2 5 ? 1.786   5.162   -18.028 1.00 68.93  ? 6   DG  A "C3'" 1 
ATOM   429 O  "O3'" . DG  D 2 5 ? 2.715   4.571   -18.939 1.00 81.12  ? 6   DG  A "O3'" 1 
ATOM   430 C  "C2'" . DG  D 2 5 ? 0.359   4.796   -18.427 1.00 58.22  ? 6   DG  A "C2'" 1 
ATOM   431 C  "C1'" . DG  D 2 5 ? -0.285  4.181   -17.175 1.00 45.95  ? 6   DG  A "C1'" 1 
ATOM   432 N  N9    . DG  D 2 5 ? -1.555  4.807   -16.823 1.00 45.09  ? 6   DG  A N9    1 
ATOM   433 C  C8    . DG  D 2 5 ? -1.797  6.158   -16.815 1.00 36.53  ? 6   DG  A C8    1 
ATOM   434 N  N7    . DG  D 2 5 ? -3.012  6.460   -16.453 1.00 49.83  ? 6   DG  A N7    1 
ATOM   435 C  C5    . DG  D 2 5 ? -3.636  5.234   -16.283 1.00 49.20  ? 6   DG  A C5    1 
ATOM   436 C  C6    . DG  D 2 5 ? -4.965  4.934   -15.905 1.00 50.22  ? 6   DG  A C6    1 
ATOM   437 O  O6    . DG  D 2 5 ? -5.888  5.717   -15.663 1.00 54.81  ? 6   DG  A O6    1 
ATOM   438 N  N1    . DG  D 2 5 ? -5.178  3.561   -15.821 1.00 51.56  ? 6   DG  A N1    1 
ATOM   439 C  C2    . DG  D 2 5 ? -4.236  2.598   -16.094 1.00 52.39  ? 6   DG  A C2    1 
ATOM   440 N  N2    . DG  D 2 5 ? -4.649  1.318   -15.971 1.00 35.89  ? 6   DG  A N2    1 
ATOM   441 N  N3    . DG  D 2 5 ? -2.977  2.868   -16.427 1.00 41.96  ? 6   DG  A N3    1 
ATOM   442 C  C4    . DG  D 2 5 ? -2.748  4.199   -16.490 1.00 45.91  ? 6   DG  A C4    1 
HETATM 443 MG MG    . MG  E 3 . ? 7.197   7.849   3.252   1.00 37.30  ? 101 MG  B MG    1 
HETATM 444 C  C2    A PT9 F 4 . ? -5.785  -1.030  -12.471 0.50 45.50  ? 101 PT9 A C2    1 
HETATM 445 N  N3    A PT9 F 4 . ? -1.345  1.191   -13.421 0.50 35.69  ? 101 PT9 A N3    1 
HETATM 446 N  N4    A PT9 F 4 . ? 0.284   -0.887  -13.539 0.50 33.30  ? 101 PT9 A N4    1 
HETATM 447 C  C5    A PT9 F 4 . ? -4.112  1.024   -13.035 0.50 50.70  ? 101 PT9 A C5    1 
HETATM 448 C  C6    A PT9 F 4 . ? -2.212  2.191   -13.357 0.50 37.69  ? 101 PT9 A C6    1 
HETATM 449 C  C7    A PT9 F 4 . ? -1.810  3.537   -13.270 0.50 40.85  ? 101 PT9 A C7    1 
HETATM 450 C  C8    A PT9 F 4 . ? -0.502  3.795   -13.256 0.50 38.54  ? 101 PT9 A C8    1 
HETATM 451 C  C9    A PT9 F 4 . ? 0.407   2.743   -13.309 0.50 40.27  ? 101 PT9 A C9    1 
HETATM 452 PT PT1   A PT9 F 4 . ? -1.653  -0.745  -13.539 0.50 46.53  ? 101 PT9 A PT1   1 
HETATM 453 C  C1    A PT9 F 4 . ? -4.494  -1.263  -12.795 0.50 47.64  ? 101 PT9 A C1    1 
HETATM 454 C  C3    A PT9 F 4 . ? -6.241  0.294   -12.423 0.50 51.40  ? 101 PT9 A C3    1 
HETATM 455 C  C4    A PT9 F 4 . ? -5.436  1.327   -12.692 0.50 36.62  ? 101 PT9 A C4    1 
HETATM 456 C  C10   A PT9 F 4 . ? -0.019  1.468   -13.393 0.50 37.97  ? 101 PT9 A C10   1 
HETATM 457 C  C11   A PT9 F 4 . ? 0.881   0.339   -13.455 0.50 36.23  ? 101 PT9 A C11   1 
HETATM 458 C  C12   A PT9 F 4 . ? 2.265   0.497   -13.424 0.50 33.49  ? 101 PT9 A C12   1 
HETATM 459 C  C13   A PT9 F 4 . ? 3.020   -0.670  -13.494 0.50 31.34  ? 101 PT9 A C13   1 
HETATM 460 C  C14   A PT9 F 4 . ? 2.408   -1.858  -13.601 0.50 26.32  ? 101 PT9 A C14   1 
HETATM 461 C  C15   A PT9 F 4 . ? 1.025   -1.960  -13.625 0.50 30.76  ? 101 PT9 A C15   1 
HETATM 462 C  C16   A PT9 F 4 . ? -0.754  -3.592  -13.921 0.50 33.54  ? 101 PT9 A C16   1 
HETATM 463 C  C17   A PT9 F 4 . ? -0.878  -4.961  -14.165 0.50 36.93  ? 101 PT9 A C17   1 
HETATM 464 C  C18   A PT9 F 4 . ? -2.103  -5.479  -14.361 0.50 37.15  ? 101 PT9 A C18   1 
HETATM 465 C  C19   A PT9 F 4 . ? -3.189  -4.626  -14.328 0.50 39.44  ? 101 PT9 A C19   1 
HETATM 466 C  C20   A PT9 F 4 . ? -3.007  -3.309  -14.096 0.50 38.26  ? 101 PT9 A C20   1 
HETATM 467 N  N1    A PT9 F 4 . ? -3.590  -0.291  -13.097 0.50 44.56  ? 101 PT9 A N1    1 
HETATM 468 N  N2    A PT9 F 4 . ? -3.486  2.160   -13.325 0.50 43.17  ? 101 PT9 A N2    1 
HETATM 469 N  N5    A PT9 F 4 . ? 0.524   -3.195  -13.724 0.50 30.41  ? 101 PT9 A N5    1 
HETATM 470 N  N6    A PT9 F 4 . ? -1.764  -2.762  -13.882 0.50 37.92  ? 101 PT9 A N6    1 
HETATM 471 C  C2    B PT9 G 4 . ? -7.215  2.114   -10.905 0.50 39.18  ? 102 PT9 A C2    1 
HETATM 472 N  N3    B PT9 G 4 . ? -4.035  -1.345  -13.262 0.50 44.33  ? 102 PT9 A N3    1 
HETATM 473 N  N4    B PT9 G 4 . ? -1.983  0.181   -13.328 0.50 42.26  ? 102 PT9 A N4    1 
HETATM 474 C  C5    B PT9 G 4 . ? -6.543  -0.296  -12.253 0.50 49.81  ? 102 PT9 A C5    1 
HETATM 475 C  C6    B PT9 G 4 . ? -5.192  -2.002  -13.182 0.50 42.58  ? 102 PT9 A C6    1 
HETATM 476 C  C7    B PT9 G 4 . ? -5.179  -3.375  -13.378 0.50 39.29  ? 102 PT9 A C7    1 
HETATM 477 C  C8    B PT9 G 4 . ? -4.028  -4.038  -13.655 0.50 42.87  ? 102 PT9 A C8    1 
HETATM 478 C  C9    B PT9 G 4 . ? -2.834  -3.356  -13.722 0.50 38.96  ? 102 PT9 A C9    1 
HETATM 479 PT PT1   B PT9 G 4 . ? -3.846  0.616   -12.920 0.50 65.42  ? 102 PT9 A PT1   1 
HETATM 480 C  C1    B PT9 G 4 . ? -6.037  1.860   -11.473 0.50 42.70  ? 102 PT9 A C1    1 
HETATM 481 C  C3    B PT9 G 4 . ? -8.134  1.085   -10.988 0.50 45.12  ? 102 PT9 A C3    1 
HETATM 482 C  C4    B PT9 G 4 . ? -7.807  -0.080  -11.626 0.50 42.30  ? 102 PT9 A C4    1 
HETATM 483 C  C10   B PT9 G 4 . ? -2.897  -2.026  -13.521 0.50 42.23  ? 102 PT9 A C10   1 
HETATM 484 C  C11   B PT9 G 4 . ? -1.721  -1.186  -13.547 0.50 45.82  ? 102 PT9 A C11   1 
HETATM 485 C  C12   B PT9 G 4 . ? -0.485  -1.763  -13.784 0.50 28.35  ? 102 PT9 A C12   1 
HETATM 486 C  C13   B PT9 G 4 . ? 0.518   -0.835  -13.824 0.50 32.93  ? 102 PT9 A C13   1 
HETATM 487 C  C14   B PT9 G 4 . ? 0.291   0.507   -13.587 0.50 34.91  ? 102 PT9 A C14   1 
HETATM 488 C  C15   B PT9 G 4 . ? -0.999  1.033   -13.326 0.50 40.79  ? 102 PT9 A C15   1 
HETATM 489 C  C16   B PT9 G 4 . ? -2.354  3.176   -13.057 0.50 46.37  ? 102 PT9 A C16   1 
HETATM 490 C  C17   B PT9 G 4 . ? -2.157  4.565   -13.094 0.50 40.54  ? 102 PT9 A C17   1 
HETATM 491 C  C18   B PT9 G 4 . ? -3.206  5.409   -13.001 0.50 45.92  ? 102 PT9 A C18   1 
HETATM 492 C  C19   B PT9 G 4 . ? -4.484  4.901   -12.876 0.50 46.16  ? 102 PT9 A C19   1 
HETATM 493 C  C20   B PT9 G 4 . ? -4.600  3.556   -12.874 0.50 44.19  ? 102 PT9 A C20   1 
HETATM 494 N  N1    B PT9 G 4 . ? -5.657  0.755   -12.150 0.50 42.64  ? 102 PT9 A N1    1 
HETATM 495 N  N2    B PT9 G 4 . ? -6.358  -1.483  -12.904 0.50 38.92  ? 102 PT9 A N2    1 
HETATM 496 N  N5    B PT9 G 4 . ? -1.204  2.365   -13.110 0.50 41.70  ? 102 PT9 A N5    1 
HETATM 497 N  N6    B PT9 G 4 . ? -3.563  2.660   -12.950 0.50 45.38  ? 102 PT9 A N6    1 
HETATM 498 O  O     . HOH H 5 . ? 10.744  3.599   0.770   1.00 32.88  ? 201 HOH B O     1 
HETATM 499 O  O     . HOH H 5 . ? 5.805   6.300   3.892   1.00 81.86  ? 202 HOH B O     1 
HETATM 500 O  O     . HOH H 5 . ? -7.042  -6.501  -11.742 1.00 41.53  ? 203 HOH B O     1 
HETATM 501 O  O     . HOH H 5 . ? 9.178   5.619   0.157   0.50 80.26  ? 204 HOH B O     1 
HETATM 502 O  O     . HOH I 5 . ? 0.959   -9.516  -0.479  1.00 44.19  ? 101 HOH C O     1 
HETATM 503 O  O     . HOH I 5 . ? -3.143  -2.966  1.740   1.00 48.46  ? 102 HOH C O     1 
HETATM 504 O  O     . HOH J 5 . ? 2.254   -4.632  -14.726 1.00 73.20  ? 201 HOH A O     1 
HETATM 505 O  O     . HOH J 5 . ? -10.916 1.701   3.473   1.00 45.75  ? 202 HOH A O     1 
HETATM 506 O  O     . HOH J 5 . ? 6.637   8.161   -14.088 1.00 52.45  ? 203 HOH A O     1 
# 
